data_1I6F
# 
_entry.id   1I6F 
# 
_audit_conform.dict_name       mmcif_pdbx.dic 
_audit_conform.dict_version    5.398 
_audit_conform.dict_location   http://mmcif.pdb.org/dictionaries/ascii/mmcif_pdbx.dic 
# 
loop_
_database_2.database_id 
_database_2.database_code 
_database_2.pdbx_database_accession 
_database_2.pdbx_DOI 
PDB   1I6F         pdb_00001i6f 10.2210/pdb1i6f/pdb 
RCSB  RCSB012962   ?            ?                   
WWPDB D_1000012962 ?            ?                   
# 
loop_
_pdbx_audit_revision_history.ordinal 
_pdbx_audit_revision_history.data_content_type 
_pdbx_audit_revision_history.major_revision 
_pdbx_audit_revision_history.minor_revision 
_pdbx_audit_revision_history.revision_date 
1 'Structure model' 1 0 2001-08-01 
2 'Structure model' 1 1 2008-04-27 
3 'Structure model' 1 2 2011-07-13 
4 'Structure model' 1 3 2022-02-23 
5 'Structure model' 1 4 2024-11-06 
# 
_pdbx_audit_revision_details.ordinal             1 
_pdbx_audit_revision_details.revision_ordinal    1 
_pdbx_audit_revision_details.data_content_type   'Structure model' 
_pdbx_audit_revision_details.provider            repository 
_pdbx_audit_revision_details.type                'Initial release' 
_pdbx_audit_revision_details.description         ? 
_pdbx_audit_revision_details.details             ? 
# 
loop_
_pdbx_audit_revision_group.ordinal 
_pdbx_audit_revision_group.revision_ordinal 
_pdbx_audit_revision_group.data_content_type 
_pdbx_audit_revision_group.group 
1 2 'Structure model' 'Version format compliance' 
2 3 'Structure model' 'Version format compliance' 
3 4 'Structure model' 'Data collection'           
4 4 'Structure model' 'Database references'       
5 4 'Structure model' 'Derived calculations'      
6 5 'Structure model' 'Data collection'           
7 5 'Structure model' 'Structure summary'         
# 
loop_
_pdbx_audit_revision_category.ordinal 
_pdbx_audit_revision_category.revision_ordinal 
_pdbx_audit_revision_category.data_content_type 
_pdbx_audit_revision_category.category 
1 4 'Structure model' database_2                
2 4 'Structure model' pdbx_nmr_software         
3 4 'Structure model' pdbx_struct_assembly      
4 4 'Structure model' pdbx_struct_oper_list     
5 5 'Structure model' chem_comp_atom            
6 5 'Structure model' chem_comp_bond            
7 5 'Structure model' pdbx_entry_details        
8 5 'Structure model' pdbx_modification_feature 
# 
loop_
_pdbx_audit_revision_item.ordinal 
_pdbx_audit_revision_item.revision_ordinal 
_pdbx_audit_revision_item.data_content_type 
_pdbx_audit_revision_item.item 
1 4 'Structure model' '_database_2.pdbx_DOI'                
2 4 'Structure model' '_database_2.pdbx_database_accession' 
3 4 'Structure model' '_pdbx_nmr_software.name'             
# 
_pdbx_database_status.status_code                     REL 
_pdbx_database_status.entry_id                        1I6F 
_pdbx_database_status.recvd_initial_deposition_date   2001-03-02 
_pdbx_database_status.deposit_site                    RCSB 
_pdbx_database_status.process_site                    RCSB 
_pdbx_database_status.status_code_mr                  REL 
_pdbx_database_status.SG_entry                        . 
_pdbx_database_status.pdb_format_compatible           Y 
_pdbx_database_status.status_code_sf                  ? 
_pdbx_database_status.status_code_cs                  ? 
_pdbx_database_status.status_code_nmr_data            ? 
_pdbx_database_status.methods_development_category    ? 
# 
loop_
_pdbx_database_related.db_name 
_pdbx_database_related.db_id 
_pdbx_database_related.details 
_pdbx_database_related.content_type 
PDB 1NRB 'Neurotoxin CsE-V'                 unspecified 
PDB 1B3C 'Neurotoxin CsE-I'                 unspecified 
PDB 1I6G 'Neurotoxin CsE-v5, 20 conformers' unspecified 
# 
loop_
_audit_author.name 
_audit_author.pdbx_ordinal 
'Jablonsky, M.J.' 1 
'Jackson, P.L.'   2 
'Krishna, N.R.'   3 
# 
_citation.id                        primary 
_citation.title                     
'Solution structure of an insect-specific neurotoxin from the New World scorpion Centruroides sculpturatus Ewing.' 
_citation.journal_abbrev            Biochemistry 
_citation.journal_volume            40 
_citation.page_first                8273 
_citation.page_last                 8282 
_citation.year                      2001 
_citation.journal_id_ASTM           BICHAW 
_citation.country                   US 
_citation.journal_id_ISSN           0006-2960 
_citation.journal_id_CSD            0033 
_citation.book_publisher            ? 
_citation.pdbx_database_id_PubMed   11444973 
_citation.pdbx_database_id_DOI      10.1021/bi010223h 
# 
loop_
_citation_author.citation_id 
_citation_author.name 
_citation_author.ordinal 
_citation_author.identifier_ORCID 
primary 'Jablonsky, M.J.' 1 ? 
primary 'Jackson, P.L.'   2 ? 
primary 'Krishna, N.R.'   3 ? 
# 
_entity.id                         1 
_entity.type                       polymer 
_entity.src_method                 nat 
_entity.pdbx_description           'NEUROTOXIN V-5' 
_entity.formula_weight             6370.235 
_entity.pdbx_number_of_molecules   1 
_entity.pdbx_ec                    ? 
_entity.pdbx_mutation              ? 
_entity.pdbx_fragment              ? 
_entity.details                    ? 
# 
_entity_name_com.entity_id   1 
_entity_name_com.name        CSE-V5 
# 
_entity_poly.entity_id                      1 
_entity_poly.type                           'polypeptide(L)' 
_entity_poly.nstd_linkage                   no 
_entity_poly.nstd_monomer                   no 
_entity_poly.pdbx_seq_one_letter_code       KDGYPVDSKGCKLSCVANNYCDNQCKMKKASGGHCYAMSCYCEGLPENAKVSDSATNICG 
_entity_poly.pdbx_seq_one_letter_code_can   KDGYPVDSKGCKLSCVANNYCDNQCKMKKASGGHCYAMSCYCEGLPENAKVSDSATNICG 
_entity_poly.pdbx_strand_id                 A 
_entity_poly.pdbx_target_identifier         ? 
# 
loop_
_entity_poly_seq.entity_id 
_entity_poly_seq.num 
_entity_poly_seq.mon_id 
_entity_poly_seq.hetero 
1 1  LYS n 
1 2  ASP n 
1 3  GLY n 
1 4  TYR n 
1 5  PRO n 
1 6  VAL n 
1 7  ASP n 
1 8  SER n 
1 9  LYS n 
1 10 GLY n 
1 11 CYS n 
1 12 LYS n 
1 13 LEU n 
1 14 SER n 
1 15 CYS n 
1 16 VAL n 
1 17 ALA n 
1 18 ASN n 
1 19 ASN n 
1 20 TYR n 
1 21 CYS n 
1 22 ASP n 
1 23 ASN n 
1 24 GLN n 
1 25 CYS n 
1 26 LYS n 
1 27 MET n 
1 28 LYS n 
1 29 LYS n 
1 30 ALA n 
1 31 SER n 
1 32 GLY n 
1 33 GLY n 
1 34 HIS n 
1 35 CYS n 
1 36 TYR n 
1 37 ALA n 
1 38 MET n 
1 39 SER n 
1 40 CYS n 
1 41 TYR n 
1 42 CYS n 
1 43 GLU n 
1 44 GLY n 
1 45 LEU n 
1 46 PRO n 
1 47 GLU n 
1 48 ASN n 
1 49 ALA n 
1 50 LYS n 
1 51 VAL n 
1 52 SER n 
1 53 ASP n 
1 54 SER n 
1 55 ALA n 
1 56 THR n 
1 57 ASN n 
1 58 ILE n 
1 59 CYS n 
1 60 GLY n 
# 
_entity_src_nat.entity_id                  1 
_entity_src_nat.pdbx_src_id                1 
_entity_src_nat.pdbx_alt_source_flag       sample 
_entity_src_nat.pdbx_beg_seq_num           ? 
_entity_src_nat.pdbx_end_seq_num           ? 
_entity_src_nat.common_name                'bark scorpion' 
_entity_src_nat.pdbx_organism_scientific   'Centruroides sculpturatus' 
_entity_src_nat.pdbx_ncbi_taxonomy_id      218467 
_entity_src_nat.genus                      Centruroides 
_entity_src_nat.species                    ? 
_entity_src_nat.strain                     ? 
_entity_src_nat.tissue                     ? 
_entity_src_nat.tissue_fraction            ? 
_entity_src_nat.pdbx_secretion             ? 
_entity_src_nat.pdbx_fragment              ? 
_entity_src_nat.pdbx_variant               5 
_entity_src_nat.pdbx_cell_line             ? 
_entity_src_nat.pdbx_atcc                  ? 
_entity_src_nat.pdbx_cellular_location     ? 
_entity_src_nat.pdbx_organ                 ? 
_entity_src_nat.pdbx_organelle             ? 
_entity_src_nat.pdbx_cell                  ? 
_entity_src_nat.pdbx_plasmid_name          ? 
_entity_src_nat.pdbx_plasmid_details       ? 
_entity_src_nat.details                    ? 
# 
loop_
_chem_comp.id 
_chem_comp.type 
_chem_comp.mon_nstd_flag 
_chem_comp.name 
_chem_comp.pdbx_synonyms 
_chem_comp.formula 
_chem_comp.formula_weight 
ALA 'L-peptide linking' y ALANINE         ? 'C3 H7 N O2'     89.093  
ASN 'L-peptide linking' y ASPARAGINE      ? 'C4 H8 N2 O3'    132.118 
ASP 'L-peptide linking' y 'ASPARTIC ACID' ? 'C4 H7 N O4'     133.103 
CYS 'L-peptide linking' y CYSTEINE        ? 'C3 H7 N O2 S'   121.158 
GLN 'L-peptide linking' y GLUTAMINE       ? 'C5 H10 N2 O3'   146.144 
GLU 'L-peptide linking' y 'GLUTAMIC ACID' ? 'C5 H9 N O4'     147.129 
GLY 'peptide linking'   y GLYCINE         ? 'C2 H5 N O2'     75.067  
HIS 'L-peptide linking' y HISTIDINE       ? 'C6 H10 N3 O2 1' 156.162 
ILE 'L-peptide linking' y ISOLEUCINE      ? 'C6 H13 N O2'    131.173 
LEU 'L-peptide linking' y LEUCINE         ? 'C6 H13 N O2'    131.173 
LYS 'L-peptide linking' y LYSINE          ? 'C6 H15 N2 O2 1' 147.195 
MET 'L-peptide linking' y METHIONINE      ? 'C5 H11 N O2 S'  149.211 
PRO 'L-peptide linking' y PROLINE         ? 'C5 H9 N O2'     115.130 
SER 'L-peptide linking' y SERINE          ? 'C3 H7 N O3'     105.093 
THR 'L-peptide linking' y THREONINE       ? 'C4 H9 N O3'     119.119 
TYR 'L-peptide linking' y TYROSINE        ? 'C9 H11 N O3'    181.189 
VAL 'L-peptide linking' y VALINE          ? 'C5 H11 N O2'    117.146 
# 
loop_
_pdbx_poly_seq_scheme.asym_id 
_pdbx_poly_seq_scheme.entity_id 
_pdbx_poly_seq_scheme.seq_id 
_pdbx_poly_seq_scheme.mon_id 
_pdbx_poly_seq_scheme.ndb_seq_num 
_pdbx_poly_seq_scheme.pdb_seq_num 
_pdbx_poly_seq_scheme.auth_seq_num 
_pdbx_poly_seq_scheme.pdb_mon_id 
_pdbx_poly_seq_scheme.auth_mon_id 
_pdbx_poly_seq_scheme.pdb_strand_id 
_pdbx_poly_seq_scheme.pdb_ins_code 
_pdbx_poly_seq_scheme.hetero 
A 1 1  LYS 1  1  1  LYS LYS A . n 
A 1 2  ASP 2  2  2  ASP ASP A . n 
A 1 3  GLY 3  3  3  GLY GLY A . n 
A 1 4  TYR 4  4  4  TYR TYR A . n 
A 1 5  PRO 5  5  5  PRO PRO A . n 
A 1 6  VAL 6  6  6  VAL VAL A . n 
A 1 7  ASP 7  7  7  ASP ASP A . n 
A 1 8  SER 8  8  8  SER SER A . n 
A 1 9  LYS 9  9  9  LYS LYS A . n 
A 1 10 GLY 10 10 10 GLY GLY A . n 
A 1 11 CYS 11 11 11 CYS CYS A . n 
A 1 12 LYS 12 12 12 LYS LYS A . n 
A 1 13 LEU 13 13 13 LEU LEU A . n 
A 1 14 SER 14 14 14 SER SER A . n 
A 1 15 CYS 15 15 15 CYS CYS A . n 
A 1 16 VAL 16 16 16 VAL VAL A . n 
A 1 17 ALA 17 17 17 ALA ALA A . n 
A 1 18 ASN 18 18 18 ASN ASN A . n 
A 1 19 ASN 19 19 19 ASN ASN A . n 
A 1 20 TYR 20 20 20 TYR TYR A . n 
A 1 21 CYS 21 21 21 CYS CYS A . n 
A 1 22 ASP 22 22 22 ASP ASP A . n 
A 1 23 ASN 23 23 23 ASN ASN A . n 
A 1 24 GLN 24 24 24 GLN GLN A . n 
A 1 25 CYS 25 25 25 CYS CYS A . n 
A 1 26 LYS 26 26 26 LYS LYS A . n 
A 1 27 MET 27 27 27 MET MET A . n 
A 1 28 LYS 28 28 28 LYS LYS A . n 
A 1 29 LYS 29 29 29 LYS LYS A . n 
A 1 30 ALA 30 30 30 ALA ALA A . n 
A 1 31 SER 31 31 31 SER SER A . n 
A 1 32 GLY 32 32 32 GLY GLY A . n 
A 1 33 GLY 33 33 33 GLY GLY A . n 
A 1 34 HIS 34 34 34 HIS HIS A . n 
A 1 35 CYS 35 35 35 CYS CYS A . n 
A 1 36 TYR 36 36 36 TYR TYR A . n 
A 1 37 ALA 37 37 37 ALA ALA A . n 
A 1 38 MET 38 38 38 MET MET A . n 
A 1 39 SER 39 39 39 SER SER A . n 
A 1 40 CYS 40 40 40 CYS CYS A . n 
A 1 41 TYR 41 41 41 TYR TYR A . n 
A 1 42 CYS 42 42 42 CYS CYS A . n 
A 1 43 GLU 43 43 43 GLU GLU A . n 
A 1 44 GLY 44 44 44 GLY GLY A . n 
A 1 45 LEU 45 45 45 LEU LEU A . n 
A 1 46 PRO 46 46 46 PRO PRO A . n 
A 1 47 GLU 47 47 47 GLU GLU A . n 
A 1 48 ASN 48 48 48 ASN ASN A . n 
A 1 49 ALA 49 49 49 ALA ALA A . n 
A 1 50 LYS 50 50 50 LYS LYS A . n 
A 1 51 VAL 51 51 51 VAL VAL A . n 
A 1 52 SER 52 52 52 SER SER A . n 
A 1 53 ASP 53 53 53 ASP ASP A . n 
A 1 54 SER 54 54 54 SER SER A . n 
A 1 55 ALA 55 55 55 ALA ALA A . n 
A 1 56 THR 56 56 56 THR THR A . n 
A 1 57 ASN 57 57 57 ASN ASN A . n 
A 1 58 ILE 58 58 58 ILE ILE A . n 
A 1 59 CYS 59 59 59 CYS CYS A . n 
A 1 60 GLY 60 60 60 GLY GLY A . n 
# 
_cell.entry_id           1I6F 
_cell.length_a           ? 
_cell.length_b           ? 
_cell.length_c           ? 
_cell.angle_alpha        ? 
_cell.angle_beta         ? 
_cell.angle_gamma        ? 
_cell.Z_PDB              1 
_cell.pdbx_unique_axis   ? 
# 
_exptl.entry_id          1I6F 
_exptl.method            'SOLUTION NMR' 
_exptl.crystals_number   ? 
# 
_struct.entry_id                  1I6F 
_struct.title                     
'NMR SOLUTION STRUCTURE OF THE INSECT-SPECIFIC NEUROTOXIN VARIANT 5 (CSE-V5) FROM THE SCORPION CENTRUROIDES SCULPTURATUS EWING' 
_struct.pdbx_model_details        ? 
_struct.pdbx_CASP_flag            ? 
_struct.pdbx_model_type_details   'minimized average' 
# 
_struct_keywords.entry_id        1I6F 
_struct_keywords.pdbx_keywords   TOXIN 
_struct_keywords.text            'scorpion, neurotoxin, sodium channel, alpha helix, beta sheet, disulfide linkages, TOXIN' 
# 
_struct_asym.id                            A 
_struct_asym.pdbx_blank_PDB_chainid_flag   N 
_struct_asym.pdbx_modified                 N 
_struct_asym.entity_id                     1 
_struct_asym.details                       ? 
# 
_struct_ref.id                         1 
_struct_ref.db_name                    UNP 
_struct_ref.db_code                    SCX5_CENSC 
_struct_ref.entity_id                  1 
_struct_ref.pdbx_seq_one_letter_code   KDGYPVDSKGCKLSCVANNYCDNQCKMKKASGGHCYAMSCYCEGLPENAKVSDSATNIC 
_struct_ref.pdbx_align_begin           1 
_struct_ref.pdbx_db_accession          P58779 
_struct_ref.pdbx_db_isoform            ? 
# 
_struct_ref_seq.align_id                      1 
_struct_ref_seq.ref_id                        1 
_struct_ref_seq.pdbx_PDB_id_code              1I6F 
_struct_ref_seq.pdbx_strand_id                A 
_struct_ref_seq.seq_align_beg                 1 
_struct_ref_seq.pdbx_seq_align_beg_ins_code   ? 
_struct_ref_seq.seq_align_end                 59 
_struct_ref_seq.pdbx_seq_align_end_ins_code   ? 
_struct_ref_seq.pdbx_db_accession             P58779 
_struct_ref_seq.db_align_beg                  1 
_struct_ref_seq.pdbx_db_align_beg_ins_code    ? 
_struct_ref_seq.db_align_end                  59 
_struct_ref_seq.pdbx_db_align_end_ins_code    ? 
_struct_ref_seq.pdbx_auth_seq_align_beg       1 
_struct_ref_seq.pdbx_auth_seq_align_end       59 
# 
_struct_ref_seq_dif.align_id                     1 
_struct_ref_seq_dif.pdbx_pdb_id_code             1I6F 
_struct_ref_seq_dif.mon_id                       GLY 
_struct_ref_seq_dif.pdbx_pdb_strand_id           A 
_struct_ref_seq_dif.seq_num                      60 
_struct_ref_seq_dif.pdbx_pdb_ins_code            ? 
_struct_ref_seq_dif.pdbx_seq_db_name             UNP 
_struct_ref_seq_dif.pdbx_seq_db_accession_code   P58779 
_struct_ref_seq_dif.db_mon_id                    ? 
_struct_ref_seq_dif.pdbx_seq_db_seq_num          ? 
_struct_ref_seq_dif.details                      'SEE REMARK 999' 
_struct_ref_seq_dif.pdbx_auth_seq_num            60 
_struct_ref_seq_dif.pdbx_ordinal                 1 
# 
_pdbx_struct_assembly.id                   1 
_pdbx_struct_assembly.details              author_defined_assembly 
_pdbx_struct_assembly.method_details       ? 
_pdbx_struct_assembly.oligomeric_details   monomeric 
_pdbx_struct_assembly.oligomeric_count     1 
# 
_pdbx_struct_assembly_gen.assembly_id       1 
_pdbx_struct_assembly_gen.oper_expression   1 
_pdbx_struct_assembly_gen.asym_id_list      A 
# 
_pdbx_struct_oper_list.id                   1 
_pdbx_struct_oper_list.type                 'identity operation' 
_pdbx_struct_oper_list.name                 1_555 
_pdbx_struct_oper_list.symmetry_operation   x,y,z 
_pdbx_struct_oper_list.matrix[1][1]         1.0000000000 
_pdbx_struct_oper_list.matrix[1][2]         0.0000000000 
_pdbx_struct_oper_list.matrix[1][3]         0.0000000000 
_pdbx_struct_oper_list.vector[1]            0.0000000000 
_pdbx_struct_oper_list.matrix[2][1]         0.0000000000 
_pdbx_struct_oper_list.matrix[2][2]         1.0000000000 
_pdbx_struct_oper_list.matrix[2][3]         0.0000000000 
_pdbx_struct_oper_list.vector[2]            0.0000000000 
_pdbx_struct_oper_list.matrix[3][1]         0.0000000000 
_pdbx_struct_oper_list.matrix[3][2]         0.0000000000 
_pdbx_struct_oper_list.matrix[3][3]         1.0000000000 
_pdbx_struct_oper_list.vector[3]            0.0000000000 
# 
_struct_biol.id   1 
# 
_struct_conf.conf_type_id            HELX_P 
_struct_conf.id                      HELX_P1 
_struct_conf.pdbx_PDB_helix_id       1 
_struct_conf.beg_label_comp_id       ALA 
_struct_conf.beg_label_asym_id       A 
_struct_conf.beg_label_seq_id        17 
_struct_conf.pdbx_beg_PDB_ins_code   ? 
_struct_conf.end_label_comp_id       LYS 
_struct_conf.end_label_asym_id       A 
_struct_conf.end_label_seq_id        28 
_struct_conf.pdbx_end_PDB_ins_code   ? 
_struct_conf.beg_auth_comp_id        ALA 
_struct_conf.beg_auth_asym_id        A 
_struct_conf.beg_auth_seq_id         17 
_struct_conf.end_auth_comp_id        LYS 
_struct_conf.end_auth_asym_id        A 
_struct_conf.end_auth_seq_id         28 
_struct_conf.pdbx_PDB_helix_class    1 
_struct_conf.details                 ? 
_struct_conf.pdbx_PDB_helix_length   12 
# 
_struct_conf_type.id          HELX_P 
_struct_conf_type.criteria    ? 
_struct_conf_type.reference   ? 
# 
loop_
_struct_conn.id 
_struct_conn.conn_type_id 
_struct_conn.pdbx_leaving_atom_flag 
_struct_conn.pdbx_PDB_id 
_struct_conn.ptnr1_label_asym_id 
_struct_conn.ptnr1_label_comp_id 
_struct_conn.ptnr1_label_seq_id 
_struct_conn.ptnr1_label_atom_id 
_struct_conn.pdbx_ptnr1_label_alt_id 
_struct_conn.pdbx_ptnr1_PDB_ins_code 
_struct_conn.pdbx_ptnr1_standard_comp_id 
_struct_conn.ptnr1_symmetry 
_struct_conn.ptnr2_label_asym_id 
_struct_conn.ptnr2_label_comp_id 
_struct_conn.ptnr2_label_seq_id 
_struct_conn.ptnr2_label_atom_id 
_struct_conn.pdbx_ptnr2_label_alt_id 
_struct_conn.pdbx_ptnr2_PDB_ins_code 
_struct_conn.ptnr1_auth_asym_id 
_struct_conn.ptnr1_auth_comp_id 
_struct_conn.ptnr1_auth_seq_id 
_struct_conn.ptnr2_auth_asym_id 
_struct_conn.ptnr2_auth_comp_id 
_struct_conn.ptnr2_auth_seq_id 
_struct_conn.ptnr2_symmetry 
_struct_conn.pdbx_ptnr3_label_atom_id 
_struct_conn.pdbx_ptnr3_label_seq_id 
_struct_conn.pdbx_ptnr3_label_comp_id 
_struct_conn.pdbx_ptnr3_label_asym_id 
_struct_conn.pdbx_ptnr3_label_alt_id 
_struct_conn.pdbx_ptnr3_PDB_ins_code 
_struct_conn.details 
_struct_conn.pdbx_dist_value 
_struct_conn.pdbx_value_order 
_struct_conn.pdbx_role 
disulf1 disulf ? ? A CYS 11 SG ? ? ? 1_555 A CYS 59 SG ? ? A CYS 11 A CYS 59 1_555 ? ? ? ? ? ? ? 2.020 ? ? 
disulf2 disulf ? ? A CYS 15 SG ? ? ? 1_555 A CYS 35 SG ? ? A CYS 15 A CYS 35 1_555 ? ? ? ? ? ? ? 2.020 ? ? 
disulf3 disulf ? ? A CYS 21 SG ? ? ? 1_555 A CYS 40 SG ? ? A CYS 21 A CYS 40 1_555 ? ? ? ? ? ? ? 2.020 ? ? 
disulf4 disulf ? ? A CYS 25 SG ? ? ? 1_555 A CYS 42 SG ? ? A CYS 25 A CYS 42 1_555 ? ? ? ? ? ? ? 2.020 ? ? 
# 
_struct_conn_type.id          disulf 
_struct_conn_type.criteria    ? 
_struct_conn_type.reference   ? 
# 
loop_
_pdbx_modification_feature.ordinal 
_pdbx_modification_feature.label_comp_id 
_pdbx_modification_feature.label_asym_id 
_pdbx_modification_feature.label_seq_id 
_pdbx_modification_feature.label_alt_id 
_pdbx_modification_feature.modified_residue_label_comp_id 
_pdbx_modification_feature.modified_residue_label_asym_id 
_pdbx_modification_feature.modified_residue_label_seq_id 
_pdbx_modification_feature.modified_residue_label_alt_id 
_pdbx_modification_feature.auth_comp_id 
_pdbx_modification_feature.auth_asym_id 
_pdbx_modification_feature.auth_seq_id 
_pdbx_modification_feature.PDB_ins_code 
_pdbx_modification_feature.symmetry 
_pdbx_modification_feature.modified_residue_auth_comp_id 
_pdbx_modification_feature.modified_residue_auth_asym_id 
_pdbx_modification_feature.modified_residue_auth_seq_id 
_pdbx_modification_feature.modified_residue_PDB_ins_code 
_pdbx_modification_feature.modified_residue_symmetry 
_pdbx_modification_feature.comp_id_linking_atom 
_pdbx_modification_feature.modified_residue_id_linking_atom 
_pdbx_modification_feature.modified_residue_id 
_pdbx_modification_feature.ref_pcm_id 
_pdbx_modification_feature.ref_comp_id 
_pdbx_modification_feature.type 
_pdbx_modification_feature.category 
1 CYS A 11 ? CYS A 59 ? CYS A 11 ? 1_555 CYS A 59 ? 1_555 SG SG . . . None 'Disulfide bridge' 
2 CYS A 15 ? CYS A 35 ? CYS A 15 ? 1_555 CYS A 35 ? 1_555 SG SG . . . None 'Disulfide bridge' 
3 CYS A 21 ? CYS A 40 ? CYS A 21 ? 1_555 CYS A 40 ? 1_555 SG SG . . . None 'Disulfide bridge' 
4 CYS A 25 ? CYS A 42 ? CYS A 25 ? 1_555 CYS A 42 ? 1_555 SG SG . . . None 'Disulfide bridge' 
# 
_struct_sheet.id               A 
_struct_sheet.type             ? 
_struct_sheet.number_strands   4 
_struct_sheet.details          ? 
# 
loop_
_struct_sheet_order.sheet_id 
_struct_sheet_order.range_id_1 
_struct_sheet_order.range_id_2 
_struct_sheet_order.offset 
_struct_sheet_order.sense 
A 1 2 ? anti-parallel 
A 2 3 ? anti-parallel 
A 3 4 ? anti-parallel 
# 
loop_
_struct_sheet_range.sheet_id 
_struct_sheet_range.id 
_struct_sheet_range.beg_label_comp_id 
_struct_sheet_range.beg_label_asym_id 
_struct_sheet_range.beg_label_seq_id 
_struct_sheet_range.pdbx_beg_PDB_ins_code 
_struct_sheet_range.end_label_comp_id 
_struct_sheet_range.end_label_asym_id 
_struct_sheet_range.end_label_seq_id 
_struct_sheet_range.pdbx_end_PDB_ins_code 
_struct_sheet_range.beg_auth_comp_id 
_struct_sheet_range.beg_auth_asym_id 
_struct_sheet_range.beg_auth_seq_id 
_struct_sheet_range.end_auth_comp_id 
_struct_sheet_range.end_auth_asym_id 
_struct_sheet_range.end_auth_seq_id 
A 1 HIS A 34 ? TYR A 36 ? HIS A 34 TYR A 36 
A 2 SER A 39 ? GLU A 43 ? SER A 39 GLU A 43 
A 3 ASP A 2  ? PRO A 5  ? ASP A 2  PRO A 5  
A 4 VAL A 51 ? SER A 52 ? VAL A 51 SER A 52 
# 
loop_
_pdbx_struct_sheet_hbond.sheet_id 
_pdbx_struct_sheet_hbond.range_id_1 
_pdbx_struct_sheet_hbond.range_id_2 
_pdbx_struct_sheet_hbond.range_1_label_atom_id 
_pdbx_struct_sheet_hbond.range_1_label_comp_id 
_pdbx_struct_sheet_hbond.range_1_label_asym_id 
_pdbx_struct_sheet_hbond.range_1_label_seq_id 
_pdbx_struct_sheet_hbond.range_1_PDB_ins_code 
_pdbx_struct_sheet_hbond.range_1_auth_atom_id 
_pdbx_struct_sheet_hbond.range_1_auth_comp_id 
_pdbx_struct_sheet_hbond.range_1_auth_asym_id 
_pdbx_struct_sheet_hbond.range_1_auth_seq_id 
_pdbx_struct_sheet_hbond.range_2_label_atom_id 
_pdbx_struct_sheet_hbond.range_2_label_comp_id 
_pdbx_struct_sheet_hbond.range_2_label_asym_id 
_pdbx_struct_sheet_hbond.range_2_label_seq_id 
_pdbx_struct_sheet_hbond.range_2_PDB_ins_code 
_pdbx_struct_sheet_hbond.range_2_auth_atom_id 
_pdbx_struct_sheet_hbond.range_2_auth_comp_id 
_pdbx_struct_sheet_hbond.range_2_auth_asym_id 
_pdbx_struct_sheet_hbond.range_2_auth_seq_id 
A 1 2 O TYR A 36 ? O TYR A 36 N SER A 39 ? N SER A 39 
A 2 3 N CYS A 42 ? N CYS A 42 O GLY A 3  ? O GLY A 3  
A 3 4 O TYR A 4  ? O TYR A 4  N SER A 52 ? N SER A 52 
# 
_pdbx_entry_details.entry_id                   1I6F 
_pdbx_entry_details.compound_details           ? 
_pdbx_entry_details.source_details             ? 
_pdbx_entry_details.nonpolymer_details         ? 
_pdbx_entry_details.sequence_details           ? 
_pdbx_entry_details.has_ligand_of_interest     ? 
_pdbx_entry_details.has_protein_modification   Y 
# 
_pdbx_validate_close_contact.id               1 
_pdbx_validate_close_contact.PDB_model_num    1 
_pdbx_validate_close_contact.auth_atom_id_1   H3 
_pdbx_validate_close_contact.auth_asym_id_1   A 
_pdbx_validate_close_contact.auth_comp_id_1   LYS 
_pdbx_validate_close_contact.auth_seq_id_1    1 
_pdbx_validate_close_contact.PDB_ins_code_1   ? 
_pdbx_validate_close_contact.label_alt_id_1   ? 
_pdbx_validate_close_contact.auth_atom_id_2   O 
_pdbx_validate_close_contact.auth_asym_id_2   A 
_pdbx_validate_close_contact.auth_comp_id_2   LEU 
_pdbx_validate_close_contact.auth_seq_id_2    45 
_pdbx_validate_close_contact.PDB_ins_code_2   ? 
_pdbx_validate_close_contact.label_alt_id_2   ? 
_pdbx_validate_close_contact.dist             1.59 
# 
loop_
_pdbx_validate_torsion.id 
_pdbx_validate_torsion.PDB_model_num 
_pdbx_validate_torsion.auth_comp_id 
_pdbx_validate_torsion.auth_asym_id 
_pdbx_validate_torsion.auth_seq_id 
_pdbx_validate_torsion.PDB_ins_code 
_pdbx_validate_torsion.label_alt_id 
_pdbx_validate_torsion.phi 
_pdbx_validate_torsion.psi 
1 1 MET A 38 ? ? 59.29  14.49 
2 1 ASP A 53 ? ? -92.04 30.51 
# 
_pdbx_database_remark.id     999 
_pdbx_database_remark.text   
;SEQUENCE
The authors have found that the previously published
sequence (PIR C23727) was incorrect.  They have
demonstrated the existence of an additional Gly, 60,
from sequencing, NMR, and mass spec. (Data included 
in the primary citation article).
;
# 
_pdbx_nmr_ensemble.entry_id                             1I6F 
_pdbx_nmr_ensemble.conformers_calculated_total_number   ? 
_pdbx_nmr_ensemble.conformers_submitted_total_number    1 
_pdbx_nmr_ensemble.conformer_selection_criteria         ? 
# 
_pdbx_nmr_representative.entry_id             1I6F 
_pdbx_nmr_representative.conformer_id         ? 
_pdbx_nmr_representative.selection_criteria   'minimized average structure' 
# 
loop_
_pdbx_nmr_sample_details.solution_id 
_pdbx_nmr_sample_details.contents 
_pdbx_nmr_sample_details.solvent_system 
1 '1mM CsE-v5, pH 4.0' '90% H2O, 10% D20' 
2 '1mM CsE-v5, pH 4.0' '100% D2O'         
# 
_pdbx_nmr_exptl_sample_conditions.conditions_id       1 
_pdbx_nmr_exptl_sample_conditions.temperature         303 
_pdbx_nmr_exptl_sample_conditions.pressure            ambient 
_pdbx_nmr_exptl_sample_conditions.pH                  4.0 
_pdbx_nmr_exptl_sample_conditions.ionic_strength      ? 
_pdbx_nmr_exptl_sample_conditions.pressure_units      ? 
_pdbx_nmr_exptl_sample_conditions.temperature_units   K 
# 
loop_
_pdbx_nmr_exptl.experiment_id 
_pdbx_nmr_exptl.solution_id 
_pdbx_nmr_exptl.conditions_id 
_pdbx_nmr_exptl.type 
1 1 1 '2D NOESY' 
2 1 1 TOCSY      
3 2 1 '2D NOESY' 
4 2 1 DQF-COSY   
# 
_pdbx_nmr_details.entry_id   1I6F 
_pdbx_nmr_details.text       'This structure was determined using standard homonuclear 2D-NMR techniques.' 
# 
_pdbx_nmr_refine.entry_id           1I6F 
_pdbx_nmr_refine.method             
;distance geometry   
simulated annealing
;
_pdbx_nmr_refine.details            
;The structures are based on 1010   
total restraints: 849 distance,    
70 H-bonds, 91 dihedral angle
;
_pdbx_nmr_refine.software_ordinal   1 
# 
loop_
_pdbx_nmr_software.name 
_pdbx_nmr_software.version 
_pdbx_nmr_software.classification 
_pdbx_nmr_software.authors 
_pdbx_nmr_software.ordinal 
DISNMR disr88 collection Bruker  1 
Felix  9.80   processing Biosym  2 
X-PLOR 3.851  refinement Brunger 3 
# 
loop_
_chem_comp_atom.comp_id 
_chem_comp_atom.atom_id 
_chem_comp_atom.type_symbol 
_chem_comp_atom.pdbx_aromatic_flag 
_chem_comp_atom.pdbx_stereo_config 
_chem_comp_atom.pdbx_ordinal 
ALA N    N N N 1   
ALA CA   C N S 2   
ALA C    C N N 3   
ALA O    O N N 4   
ALA CB   C N N 5   
ALA OXT  O N N 6   
ALA H    H N N 7   
ALA H2   H N N 8   
ALA HA   H N N 9   
ALA HB1  H N N 10  
ALA HB2  H N N 11  
ALA HB3  H N N 12  
ALA HXT  H N N 13  
ASN N    N N N 14  
ASN CA   C N S 15  
ASN C    C N N 16  
ASN O    O N N 17  
ASN CB   C N N 18  
ASN CG   C N N 19  
ASN OD1  O N N 20  
ASN ND2  N N N 21  
ASN OXT  O N N 22  
ASN H    H N N 23  
ASN H2   H N N 24  
ASN HA   H N N 25  
ASN HB2  H N N 26  
ASN HB3  H N N 27  
ASN HD21 H N N 28  
ASN HD22 H N N 29  
ASN HXT  H N N 30  
ASP N    N N N 31  
ASP CA   C N S 32  
ASP C    C N N 33  
ASP O    O N N 34  
ASP CB   C N N 35  
ASP CG   C N N 36  
ASP OD1  O N N 37  
ASP OD2  O N N 38  
ASP OXT  O N N 39  
ASP H    H N N 40  
ASP H2   H N N 41  
ASP HA   H N N 42  
ASP HB2  H N N 43  
ASP HB3  H N N 44  
ASP HD2  H N N 45  
ASP HXT  H N N 46  
CYS N    N N N 47  
CYS CA   C N R 48  
CYS C    C N N 49  
CYS O    O N N 50  
CYS CB   C N N 51  
CYS SG   S N N 52  
CYS OXT  O N N 53  
CYS H    H N N 54  
CYS H2   H N N 55  
CYS HA   H N N 56  
CYS HB2  H N N 57  
CYS HB3  H N N 58  
CYS HG   H N N 59  
CYS HXT  H N N 60  
GLN N    N N N 61  
GLN CA   C N S 62  
GLN C    C N N 63  
GLN O    O N N 64  
GLN CB   C N N 65  
GLN CG   C N N 66  
GLN CD   C N N 67  
GLN OE1  O N N 68  
GLN NE2  N N N 69  
GLN OXT  O N N 70  
GLN H    H N N 71  
GLN H2   H N N 72  
GLN HA   H N N 73  
GLN HB2  H N N 74  
GLN HB3  H N N 75  
GLN HG2  H N N 76  
GLN HG3  H N N 77  
GLN HE21 H N N 78  
GLN HE22 H N N 79  
GLN HXT  H N N 80  
GLU N    N N N 81  
GLU CA   C N S 82  
GLU C    C N N 83  
GLU O    O N N 84  
GLU CB   C N N 85  
GLU CG   C N N 86  
GLU CD   C N N 87  
GLU OE1  O N N 88  
GLU OE2  O N N 89  
GLU OXT  O N N 90  
GLU H    H N N 91  
GLU H2   H N N 92  
GLU HA   H N N 93  
GLU HB2  H N N 94  
GLU HB3  H N N 95  
GLU HG2  H N N 96  
GLU HG3  H N N 97  
GLU HE2  H N N 98  
GLU HXT  H N N 99  
GLY N    N N N 100 
GLY CA   C N N 101 
GLY C    C N N 102 
GLY O    O N N 103 
GLY OXT  O N N 104 
GLY H    H N N 105 
GLY H2   H N N 106 
GLY HA2  H N N 107 
GLY HA3  H N N 108 
GLY HXT  H N N 109 
HIS N    N N N 110 
HIS CA   C N S 111 
HIS C    C N N 112 
HIS O    O N N 113 
HIS CB   C N N 114 
HIS CG   C Y N 115 
HIS ND1  N Y N 116 
HIS CD2  C Y N 117 
HIS CE1  C Y N 118 
HIS NE2  N Y N 119 
HIS OXT  O N N 120 
HIS H    H N N 121 
HIS H2   H N N 122 
HIS HA   H N N 123 
HIS HB2  H N N 124 
HIS HB3  H N N 125 
HIS HD1  H N N 126 
HIS HD2  H N N 127 
HIS HE1  H N N 128 
HIS HE2  H N N 129 
HIS HXT  H N N 130 
ILE N    N N N 131 
ILE CA   C N S 132 
ILE C    C N N 133 
ILE O    O N N 134 
ILE CB   C N S 135 
ILE CG1  C N N 136 
ILE CG2  C N N 137 
ILE CD1  C N N 138 
ILE OXT  O N N 139 
ILE H    H N N 140 
ILE H2   H N N 141 
ILE HA   H N N 142 
ILE HB   H N N 143 
ILE HG12 H N N 144 
ILE HG13 H N N 145 
ILE HG21 H N N 146 
ILE HG22 H N N 147 
ILE HG23 H N N 148 
ILE HD11 H N N 149 
ILE HD12 H N N 150 
ILE HD13 H N N 151 
ILE HXT  H N N 152 
LEU N    N N N 153 
LEU CA   C N S 154 
LEU C    C N N 155 
LEU O    O N N 156 
LEU CB   C N N 157 
LEU CG   C N N 158 
LEU CD1  C N N 159 
LEU CD2  C N N 160 
LEU OXT  O N N 161 
LEU H    H N N 162 
LEU H2   H N N 163 
LEU HA   H N N 164 
LEU HB2  H N N 165 
LEU HB3  H N N 166 
LEU HG   H N N 167 
LEU HD11 H N N 168 
LEU HD12 H N N 169 
LEU HD13 H N N 170 
LEU HD21 H N N 171 
LEU HD22 H N N 172 
LEU HD23 H N N 173 
LEU HXT  H N N 174 
LYS N    N N N 175 
LYS CA   C N S 176 
LYS C    C N N 177 
LYS O    O N N 178 
LYS CB   C N N 179 
LYS CG   C N N 180 
LYS CD   C N N 181 
LYS CE   C N N 182 
LYS NZ   N N N 183 
LYS OXT  O N N 184 
LYS H    H N N 185 
LYS H2   H N N 186 
LYS HA   H N N 187 
LYS HB2  H N N 188 
LYS HB3  H N N 189 
LYS HG2  H N N 190 
LYS HG3  H N N 191 
LYS HD2  H N N 192 
LYS HD3  H N N 193 
LYS HE2  H N N 194 
LYS HE3  H N N 195 
LYS HZ1  H N N 196 
LYS HZ2  H N N 197 
LYS HZ3  H N N 198 
LYS HXT  H N N 199 
MET N    N N N 200 
MET CA   C N S 201 
MET C    C N N 202 
MET O    O N N 203 
MET CB   C N N 204 
MET CG   C N N 205 
MET SD   S N N 206 
MET CE   C N N 207 
MET OXT  O N N 208 
MET H    H N N 209 
MET H2   H N N 210 
MET HA   H N N 211 
MET HB2  H N N 212 
MET HB3  H N N 213 
MET HG2  H N N 214 
MET HG3  H N N 215 
MET HE1  H N N 216 
MET HE2  H N N 217 
MET HE3  H N N 218 
MET HXT  H N N 219 
PRO N    N N N 220 
PRO CA   C N S 221 
PRO C    C N N 222 
PRO O    O N N 223 
PRO CB   C N N 224 
PRO CG   C N N 225 
PRO CD   C N N 226 
PRO OXT  O N N 227 
PRO H    H N N 228 
PRO HA   H N N 229 
PRO HB2  H N N 230 
PRO HB3  H N N 231 
PRO HG2  H N N 232 
PRO HG3  H N N 233 
PRO HD2  H N N 234 
PRO HD3  H N N 235 
PRO HXT  H N N 236 
SER N    N N N 237 
SER CA   C N S 238 
SER C    C N N 239 
SER O    O N N 240 
SER CB   C N N 241 
SER OG   O N N 242 
SER OXT  O N N 243 
SER H    H N N 244 
SER H2   H N N 245 
SER HA   H N N 246 
SER HB2  H N N 247 
SER HB3  H N N 248 
SER HG   H N N 249 
SER HXT  H N N 250 
THR N    N N N 251 
THR CA   C N S 252 
THR C    C N N 253 
THR O    O N N 254 
THR CB   C N R 255 
THR OG1  O N N 256 
THR CG2  C N N 257 
THR OXT  O N N 258 
THR H    H N N 259 
THR H2   H N N 260 
THR HA   H N N 261 
THR HB   H N N 262 
THR HG1  H N N 263 
THR HG21 H N N 264 
THR HG22 H N N 265 
THR HG23 H N N 266 
THR HXT  H N N 267 
TYR N    N N N 268 
TYR CA   C N S 269 
TYR C    C N N 270 
TYR O    O N N 271 
TYR CB   C N N 272 
TYR CG   C Y N 273 
TYR CD1  C Y N 274 
TYR CD2  C Y N 275 
TYR CE1  C Y N 276 
TYR CE2  C Y N 277 
TYR CZ   C Y N 278 
TYR OH   O N N 279 
TYR OXT  O N N 280 
TYR H    H N N 281 
TYR H2   H N N 282 
TYR HA   H N N 283 
TYR HB2  H N N 284 
TYR HB3  H N N 285 
TYR HD1  H N N 286 
TYR HD2  H N N 287 
TYR HE1  H N N 288 
TYR HE2  H N N 289 
TYR HH   H N N 290 
TYR HXT  H N N 291 
VAL N    N N N 292 
VAL CA   C N S 293 
VAL C    C N N 294 
VAL O    O N N 295 
VAL CB   C N N 296 
VAL CG1  C N N 297 
VAL CG2  C N N 298 
VAL OXT  O N N 299 
VAL H    H N N 300 
VAL H2   H N N 301 
VAL HA   H N N 302 
VAL HB   H N N 303 
VAL HG11 H N N 304 
VAL HG12 H N N 305 
VAL HG13 H N N 306 
VAL HG21 H N N 307 
VAL HG22 H N N 308 
VAL HG23 H N N 309 
VAL HXT  H N N 310 
# 
loop_
_chem_comp_bond.comp_id 
_chem_comp_bond.atom_id_1 
_chem_comp_bond.atom_id_2 
_chem_comp_bond.value_order 
_chem_comp_bond.pdbx_aromatic_flag 
_chem_comp_bond.pdbx_stereo_config 
_chem_comp_bond.pdbx_ordinal 
ALA N   CA   sing N N 1   
ALA N   H    sing N N 2   
ALA N   H2   sing N N 3   
ALA CA  C    sing N N 4   
ALA CA  CB   sing N N 5   
ALA CA  HA   sing N N 6   
ALA C   O    doub N N 7   
ALA C   OXT  sing N N 8   
ALA CB  HB1  sing N N 9   
ALA CB  HB2  sing N N 10  
ALA CB  HB3  sing N N 11  
ALA OXT HXT  sing N N 12  
ASN N   CA   sing N N 13  
ASN N   H    sing N N 14  
ASN N   H2   sing N N 15  
ASN CA  C    sing N N 16  
ASN CA  CB   sing N N 17  
ASN CA  HA   sing N N 18  
ASN C   O    doub N N 19  
ASN C   OXT  sing N N 20  
ASN CB  CG   sing N N 21  
ASN CB  HB2  sing N N 22  
ASN CB  HB3  sing N N 23  
ASN CG  OD1  doub N N 24  
ASN CG  ND2  sing N N 25  
ASN ND2 HD21 sing N N 26  
ASN ND2 HD22 sing N N 27  
ASN OXT HXT  sing N N 28  
ASP N   CA   sing N N 29  
ASP N   H    sing N N 30  
ASP N   H2   sing N N 31  
ASP CA  C    sing N N 32  
ASP CA  CB   sing N N 33  
ASP CA  HA   sing N N 34  
ASP C   O    doub N N 35  
ASP C   OXT  sing N N 36  
ASP CB  CG   sing N N 37  
ASP CB  HB2  sing N N 38  
ASP CB  HB3  sing N N 39  
ASP CG  OD1  doub N N 40  
ASP CG  OD2  sing N N 41  
ASP OD2 HD2  sing N N 42  
ASP OXT HXT  sing N N 43  
CYS N   CA   sing N N 44  
CYS N   H    sing N N 45  
CYS N   H2   sing N N 46  
CYS CA  C    sing N N 47  
CYS CA  CB   sing N N 48  
CYS CA  HA   sing N N 49  
CYS C   O    doub N N 50  
CYS C   OXT  sing N N 51  
CYS CB  SG   sing N N 52  
CYS CB  HB2  sing N N 53  
CYS CB  HB3  sing N N 54  
CYS SG  HG   sing N N 55  
CYS OXT HXT  sing N N 56  
GLN N   CA   sing N N 57  
GLN N   H    sing N N 58  
GLN N   H2   sing N N 59  
GLN CA  C    sing N N 60  
GLN CA  CB   sing N N 61  
GLN CA  HA   sing N N 62  
GLN C   O    doub N N 63  
GLN C   OXT  sing N N 64  
GLN CB  CG   sing N N 65  
GLN CB  HB2  sing N N 66  
GLN CB  HB3  sing N N 67  
GLN CG  CD   sing N N 68  
GLN CG  HG2  sing N N 69  
GLN CG  HG3  sing N N 70  
GLN CD  OE1  doub N N 71  
GLN CD  NE2  sing N N 72  
GLN NE2 HE21 sing N N 73  
GLN NE2 HE22 sing N N 74  
GLN OXT HXT  sing N N 75  
GLU N   CA   sing N N 76  
GLU N   H    sing N N 77  
GLU N   H2   sing N N 78  
GLU CA  C    sing N N 79  
GLU CA  CB   sing N N 80  
GLU CA  HA   sing N N 81  
GLU C   O    doub N N 82  
GLU C   OXT  sing N N 83  
GLU CB  CG   sing N N 84  
GLU CB  HB2  sing N N 85  
GLU CB  HB3  sing N N 86  
GLU CG  CD   sing N N 87  
GLU CG  HG2  sing N N 88  
GLU CG  HG3  sing N N 89  
GLU CD  OE1  doub N N 90  
GLU CD  OE2  sing N N 91  
GLU OE2 HE2  sing N N 92  
GLU OXT HXT  sing N N 93  
GLY N   CA   sing N N 94  
GLY N   H    sing N N 95  
GLY N   H2   sing N N 96  
GLY CA  C    sing N N 97  
GLY CA  HA2  sing N N 98  
GLY CA  HA3  sing N N 99  
GLY C   O    doub N N 100 
GLY C   OXT  sing N N 101 
GLY OXT HXT  sing N N 102 
HIS N   CA   sing N N 103 
HIS N   H    sing N N 104 
HIS N   H2   sing N N 105 
HIS CA  C    sing N N 106 
HIS CA  CB   sing N N 107 
HIS CA  HA   sing N N 108 
HIS C   O    doub N N 109 
HIS C   OXT  sing N N 110 
HIS CB  CG   sing N N 111 
HIS CB  HB2  sing N N 112 
HIS CB  HB3  sing N N 113 
HIS CG  ND1  sing Y N 114 
HIS CG  CD2  doub Y N 115 
HIS ND1 CE1  doub Y N 116 
HIS ND1 HD1  sing N N 117 
HIS CD2 NE2  sing Y N 118 
HIS CD2 HD2  sing N N 119 
HIS CE1 NE2  sing Y N 120 
HIS CE1 HE1  sing N N 121 
HIS NE2 HE2  sing N N 122 
HIS OXT HXT  sing N N 123 
ILE N   CA   sing N N 124 
ILE N   H    sing N N 125 
ILE N   H2   sing N N 126 
ILE CA  C    sing N N 127 
ILE CA  CB   sing N N 128 
ILE CA  HA   sing N N 129 
ILE C   O    doub N N 130 
ILE C   OXT  sing N N 131 
ILE CB  CG1  sing N N 132 
ILE CB  CG2  sing N N 133 
ILE CB  HB   sing N N 134 
ILE CG1 CD1  sing N N 135 
ILE CG1 HG12 sing N N 136 
ILE CG1 HG13 sing N N 137 
ILE CG2 HG21 sing N N 138 
ILE CG2 HG22 sing N N 139 
ILE CG2 HG23 sing N N 140 
ILE CD1 HD11 sing N N 141 
ILE CD1 HD12 sing N N 142 
ILE CD1 HD13 sing N N 143 
ILE OXT HXT  sing N N 144 
LEU N   CA   sing N N 145 
LEU N   H    sing N N 146 
LEU N   H2   sing N N 147 
LEU CA  C    sing N N 148 
LEU CA  CB   sing N N 149 
LEU CA  HA   sing N N 150 
LEU C   O    doub N N 151 
LEU C   OXT  sing N N 152 
LEU CB  CG   sing N N 153 
LEU CB  HB2  sing N N 154 
LEU CB  HB3  sing N N 155 
LEU CG  CD1  sing N N 156 
LEU CG  CD2  sing N N 157 
LEU CG  HG   sing N N 158 
LEU CD1 HD11 sing N N 159 
LEU CD1 HD12 sing N N 160 
LEU CD1 HD13 sing N N 161 
LEU CD2 HD21 sing N N 162 
LEU CD2 HD22 sing N N 163 
LEU CD2 HD23 sing N N 164 
LEU OXT HXT  sing N N 165 
LYS N   CA   sing N N 166 
LYS N   H    sing N N 167 
LYS N   H2   sing N N 168 
LYS CA  C    sing N N 169 
LYS CA  CB   sing N N 170 
LYS CA  HA   sing N N 171 
LYS C   O    doub N N 172 
LYS C   OXT  sing N N 173 
LYS CB  CG   sing N N 174 
LYS CB  HB2  sing N N 175 
LYS CB  HB3  sing N N 176 
LYS CG  CD   sing N N 177 
LYS CG  HG2  sing N N 178 
LYS CG  HG3  sing N N 179 
LYS CD  CE   sing N N 180 
LYS CD  HD2  sing N N 181 
LYS CD  HD3  sing N N 182 
LYS CE  NZ   sing N N 183 
LYS CE  HE2  sing N N 184 
LYS CE  HE3  sing N N 185 
LYS NZ  HZ1  sing N N 186 
LYS NZ  HZ2  sing N N 187 
LYS NZ  HZ3  sing N N 188 
LYS OXT HXT  sing N N 189 
MET N   CA   sing N N 190 
MET N   H    sing N N 191 
MET N   H2   sing N N 192 
MET CA  C    sing N N 193 
MET CA  CB   sing N N 194 
MET CA  HA   sing N N 195 
MET C   O    doub N N 196 
MET C   OXT  sing N N 197 
MET CB  CG   sing N N 198 
MET CB  HB2  sing N N 199 
MET CB  HB3  sing N N 200 
MET CG  SD   sing N N 201 
MET CG  HG2  sing N N 202 
MET CG  HG3  sing N N 203 
MET SD  CE   sing N N 204 
MET CE  HE1  sing N N 205 
MET CE  HE2  sing N N 206 
MET CE  HE3  sing N N 207 
MET OXT HXT  sing N N 208 
PRO N   CA   sing N N 209 
PRO N   CD   sing N N 210 
PRO N   H    sing N N 211 
PRO CA  C    sing N N 212 
PRO CA  CB   sing N N 213 
PRO CA  HA   sing N N 214 
PRO C   O    doub N N 215 
PRO C   OXT  sing N N 216 
PRO CB  CG   sing N N 217 
PRO CB  HB2  sing N N 218 
PRO CB  HB3  sing N N 219 
PRO CG  CD   sing N N 220 
PRO CG  HG2  sing N N 221 
PRO CG  HG3  sing N N 222 
PRO CD  HD2  sing N N 223 
PRO CD  HD3  sing N N 224 
PRO OXT HXT  sing N N 225 
SER N   CA   sing N N 226 
SER N   H    sing N N 227 
SER N   H2   sing N N 228 
SER CA  C    sing N N 229 
SER CA  CB   sing N N 230 
SER CA  HA   sing N N 231 
SER C   O    doub N N 232 
SER C   OXT  sing N N 233 
SER CB  OG   sing N N 234 
SER CB  HB2  sing N N 235 
SER CB  HB3  sing N N 236 
SER OG  HG   sing N N 237 
SER OXT HXT  sing N N 238 
THR N   CA   sing N N 239 
THR N   H    sing N N 240 
THR N   H2   sing N N 241 
THR CA  C    sing N N 242 
THR CA  CB   sing N N 243 
THR CA  HA   sing N N 244 
THR C   O    doub N N 245 
THR C   OXT  sing N N 246 
THR CB  OG1  sing N N 247 
THR CB  CG2  sing N N 248 
THR CB  HB   sing N N 249 
THR OG1 HG1  sing N N 250 
THR CG2 HG21 sing N N 251 
THR CG2 HG22 sing N N 252 
THR CG2 HG23 sing N N 253 
THR OXT HXT  sing N N 254 
TYR N   CA   sing N N 255 
TYR N   H    sing N N 256 
TYR N   H2   sing N N 257 
TYR CA  C    sing N N 258 
TYR CA  CB   sing N N 259 
TYR CA  HA   sing N N 260 
TYR C   O    doub N N 261 
TYR C   OXT  sing N N 262 
TYR CB  CG   sing N N 263 
TYR CB  HB2  sing N N 264 
TYR CB  HB3  sing N N 265 
TYR CG  CD1  doub Y N 266 
TYR CG  CD2  sing Y N 267 
TYR CD1 CE1  sing Y N 268 
TYR CD1 HD1  sing N N 269 
TYR CD2 CE2  doub Y N 270 
TYR CD2 HD2  sing N N 271 
TYR CE1 CZ   doub Y N 272 
TYR CE1 HE1  sing N N 273 
TYR CE2 CZ   sing Y N 274 
TYR CE2 HE2  sing N N 275 
TYR CZ  OH   sing N N 276 
TYR OH  HH   sing N N 277 
TYR OXT HXT  sing N N 278 
VAL N   CA   sing N N 279 
VAL N   H    sing N N 280 
VAL N   H2   sing N N 281 
VAL CA  C    sing N N 282 
VAL CA  CB   sing N N 283 
VAL CA  HA   sing N N 284 
VAL C   O    doub N N 285 
VAL C   OXT  sing N N 286 
VAL CB  CG1  sing N N 287 
VAL CB  CG2  sing N N 288 
VAL CB  HB   sing N N 289 
VAL CG1 HG11 sing N N 290 
VAL CG1 HG12 sing N N 291 
VAL CG1 HG13 sing N N 292 
VAL CG2 HG21 sing N N 293 
VAL CG2 HG22 sing N N 294 
VAL CG2 HG23 sing N N 295 
VAL OXT HXT  sing N N 296 
# 
_pdbx_nmr_spectrometer.spectrometer_id   1 
_pdbx_nmr_spectrometer.type              ? 
_pdbx_nmr_spectrometer.manufacturer      Bruker 
_pdbx_nmr_spectrometer.model             AM 
_pdbx_nmr_spectrometer.field_strength    600 
# 
_atom_sites.entry_id                    1I6F 
_atom_sites.fract_transf_matrix[1][1]   1.000000 
_atom_sites.fract_transf_matrix[1][2]   0.000000 
_atom_sites.fract_transf_matrix[1][3]   0.000000 
_atom_sites.fract_transf_matrix[2][1]   0.000000 
_atom_sites.fract_transf_matrix[2][2]   1.000000 
_atom_sites.fract_transf_matrix[2][3]   0.000000 
_atom_sites.fract_transf_matrix[3][1]   0.000000 
_atom_sites.fract_transf_matrix[3][2]   0.000000 
_atom_sites.fract_transf_matrix[3][3]   1.000000 
_atom_sites.fract_transf_vector[1]      0.00000 
_atom_sites.fract_transf_vector[2]      0.00000 
_atom_sites.fract_transf_vector[3]      0.00000 
# 
loop_
_atom_type.symbol 
C 
H 
N 
O 
S 
# 
loop_
_atom_site.group_PDB 
_atom_site.id 
_atom_site.type_symbol 
_atom_site.label_atom_id 
_atom_site.label_alt_id 
_atom_site.label_comp_id 
_atom_site.label_asym_id 
_atom_site.label_entity_id 
_atom_site.label_seq_id 
_atom_site.pdbx_PDB_ins_code 
_atom_site.Cartn_x 
_atom_site.Cartn_y 
_atom_site.Cartn_z 
_atom_site.occupancy 
_atom_site.B_iso_or_equiv 
_atom_site.pdbx_formal_charge 
_atom_site.auth_seq_id 
_atom_site.auth_comp_id 
_atom_site.auth_asym_id 
_atom_site.auth_atom_id 
_atom_site.pdbx_PDB_model_num 
ATOM 1   N N    . LYS A 1 1  ? 11.467  1.055   0.663   1.00 0.57 ? 1  LYS A N    1 
ATOM 2   C CA   . LYS A 1 1  ? 10.846  0.621   1.947   1.00 0.45 ? 1  LYS A CA   1 
ATOM 3   C C    . LYS A 1 1  ? 9.491   -0.040  1.683   1.00 0.38 ? 1  LYS A C    1 
ATOM 4   O O    . LYS A 1 1  ? 8.872   0.179   0.661   1.00 0.44 ? 1  LYS A O    1 
ATOM 5   C CB   . LYS A 1 1  ? 10.668  1.906   2.756   1.00 0.41 ? 1  LYS A CB   1 
ATOM 6   C CG   . LYS A 1 1  ? 9.555   2.751   2.133   1.00 0.49 ? 1  LYS A CG   1 
ATOM 7   C CD   . LYS A 1 1  ? 9.231   3.928   3.055   1.00 0.53 ? 1  LYS A CD   1 
ATOM 8   C CE   . LYS A 1 1  ? 7.840   4.474   2.718   1.00 0.61 ? 1  LYS A CE   1 
ATOM 9   N NZ   . LYS A 1 1  ? 7.932   5.939   2.969   1.00 0.55 ? 1  LYS A NZ   1 
ATOM 10  H H1   . LYS A 1 1  ? 11.942  0.246   0.216   1.00 1.10 ? 1  LYS A H1   1 
ATOM 11  H H2   . LYS A 1 1  ? 12.163  1.806   0.852   1.00 1.13 ? 1  LYS A H2   1 
ATOM 12  H H3   . LYS A 1 1  ? 10.730  1.416   0.026   1.00 1.17 ? 1  LYS A H3   1 
ATOM 13  H HA   . LYS A 1 1  ? 11.500  -0.057  2.473   1.00 0.51 ? 1  LYS A HA   1 
ATOM 14  H HB2  . LYS A 1 1  ? 10.406  1.658   3.774   1.00 0.39 ? 1  LYS A HB2  1 
ATOM 15  H HB3  . LYS A 1 1  ? 11.590  2.467   2.748   1.00 0.51 ? 1  LYS A HB3  1 
ATOM 16  H HG2  . LYS A 1 1  ? 9.881   3.124   1.172   1.00 0.77 ? 1  LYS A HG2  1 
ATOM 17  H HG3  . LYS A 1 1  ? 8.672   2.144   2.003   1.00 0.68 ? 1  LYS A HG3  1 
ATOM 18  H HD2  . LYS A 1 1  ? 9.248   3.596   4.083   1.00 0.72 ? 1  LYS A HD2  1 
ATOM 19  H HD3  . LYS A 1 1  ? 9.964   4.708   2.915   1.00 0.69 ? 1  LYS A HD3  1 
ATOM 20  H HE2  . LYS A 1 1  ? 7.605   4.281   1.680   1.00 0.76 ? 1  LYS A HE2  1 
ATOM 21  H HE3  . LYS A 1 1  ? 7.096   4.034   3.363   1.00 0.79 ? 1  LYS A HE3  1 
ATOM 22  H HZ1  . LYS A 1 1  ? 7.941   6.115   3.993   1.00 0.73 ? 1  LYS A HZ1  1 
ATOM 23  H HZ2  . LYS A 1 1  ? 7.111   6.415   2.541   1.00 0.60 ? 1  LYS A HZ2  1 
ATOM 24  H HZ3  . LYS A 1 1  ? 8.807   6.309   2.548   1.00 0.62 ? 1  LYS A HZ3  1 
ATOM 25  N N    . ASP A 1 2  ? 9.024   -0.847  2.597   1.00 0.36 ? 2  ASP A N    1 
ATOM 26  C CA   . ASP A 1 2  ? 7.709   -1.520  2.395   1.00 0.34 ? 2  ASP A CA   1 
ATOM 27  C C    . ASP A 1 2  ? 6.639   -0.863  3.273   1.00 0.34 ? 2  ASP A C    1 
ATOM 28  O O    . ASP A 1 2  ? 6.938   -0.251  4.278   1.00 0.47 ? 2  ASP A O    1 
ATOM 29  C CB   . ASP A 1 2  ? 7.938   -2.971  2.823   1.00 0.41 ? 2  ASP A CB   1 
ATOM 30  C CG   . ASP A 1 2  ? 9.225   -3.494  2.185   1.00 0.44 ? 2  ASP A CG   1 
ATOM 31  O OD1  . ASP A 1 2  ? 9.666   -2.902  1.214   1.00 1.28 ? 2  ASP A OD1  1 
ATOM 32  O OD2  . ASP A 1 2  ? 9.750   -4.479  2.679   1.00 1.05 ? 2  ASP A OD2  1 
ATOM 33  H H    . ASP A 1 2  ? 9.539   -1.010  3.414   1.00 0.43 ? 2  ASP A H    1 
ATOM 34  H HA   . ASP A 1 2  ? 7.421   -1.483  1.357   1.00 0.34 ? 2  ASP A HA   1 
ATOM 35  H HB2  . ASP A 1 2  ? 8.021   -3.019  3.899   1.00 0.45 ? 2  ASP A HB2  1 
ATOM 36  H HB3  . ASP A 1 2  ? 7.105   -3.577  2.498   1.00 0.44 ? 2  ASP A HB3  1 
ATOM 37  N N    . GLY A 1 3  ? 5.395   -0.987  2.899   1.00 0.27 ? 3  GLY A N    1 
ATOM 38  C CA   . GLY A 1 3  ? 4.308   -0.371  3.712   1.00 0.32 ? 3  GLY A CA   1 
ATOM 39  C C    . GLY A 1 3  ? 3.008   -0.366  2.907   1.00 0.30 ? 3  GLY A C    1 
ATOM 40  O O    . GLY A 1 3  ? 2.923   -0.946  1.843   1.00 0.30 ? 3  GLY A O    1 
ATOM 41  H H    . GLY A 1 3  ? 5.175   -1.486  2.085   1.00 0.29 ? 3  GLY A H    1 
ATOM 42  H HA2  . GLY A 1 3  ? 4.170   -0.941  4.620   1.00 0.37 ? 3  GLY A HA2  1 
ATOM 43  H HA3  . GLY A 1 3  ? 4.577   0.645   3.962   1.00 0.36 ? 3  GLY A HA3  1 
ATOM 44  N N    . TYR A 1 4  ? 1.992   0.285   3.405   1.00 0.32 ? 4  TYR A N    1 
ATOM 45  C CA   . TYR A 1 4  ? 0.698   0.326   2.667   1.00 0.32 ? 4  TYR A CA   1 
ATOM 46  C C    . TYR A 1 4  ? 0.464   1.724   2.086   1.00 0.34 ? 4  TYR A C    1 
ATOM 47  O O    . TYR A 1 4  ? 0.653   2.716   2.761   1.00 0.38 ? 4  TYR A O    1 
ATOM 48  C CB   . TYR A 1 4  ? -0.366  -0.004  3.715   1.00 0.37 ? 4  TYR A CB   1 
ATOM 49  C CG   . TYR A 1 4  ? 0.006   -1.283  4.426   1.00 0.33 ? 4  TYR A CG   1 
ATOM 50  C CD1  . TYR A 1 4  ? 0.998   -1.270  5.416   1.00 0.43 ? 4  TYR A CD1  1 
ATOM 51  C CD2  . TYR A 1 4  ? -0.638  -2.481  4.097   1.00 0.33 ? 4  TYR A CD2  1 
ATOM 52  C CE1  . TYR A 1 4  ? 1.343   -2.455  6.075   1.00 0.46 ? 4  TYR A CE1  1 
ATOM 53  C CE2  . TYR A 1 4  ? -0.293  -3.666  4.755   1.00 0.37 ? 4  TYR A CE2  1 
ATOM 54  C CZ   . TYR A 1 4  ? 0.697   -3.653  5.745   1.00 0.41 ? 4  TYR A CZ   1 
ATOM 55  O OH   . TYR A 1 4  ? 1.038   -4.822  6.396   1.00 0.50 ? 4  TYR A OH   1 
ATOM 56  H H    . TYR A 1 4  ? 2.081   0.748   4.265   1.00 0.35 ? 4  TYR A H    1 
ATOM 57  H HA   . TYR A 1 4  ? 0.686   -0.415  1.884   1.00 0.32 ? 4  TYR A HA   1 
ATOM 58  H HB2  . TYR A 1 4  ? -0.428  0.802   4.430   1.00 0.44 ? 4  TYR A HB2  1 
ATOM 59  H HB3  . TYR A 1 4  ? -1.322  -0.128  3.229   1.00 0.41 ? 4  TYR A HB3  1 
ATOM 60  H HD1  . TYR A 1 4  ? 1.495   -0.346  5.670   1.00 0.53 ? 4  TYR A HD1  1 
ATOM 61  H HD2  . TYR A 1 4  ? -1.402  -2.490  3.333   1.00 0.39 ? 4  TYR A HD2  1 
ATOM 62  H HE1  . TYR A 1 4  ? 2.108   -2.446  6.838   1.00 0.58 ? 4  TYR A HE1  1 
ATOM 63  H HE2  . TYR A 1 4  ? -0.790  -4.591  4.502   1.00 0.44 ? 4  TYR A HE2  1 
ATOM 64  H HH   . TYR A 1 4  ? 0.257   -5.379  6.434   1.00 1.04 ? 4  TYR A HH   1 
ATOM 65  N N    . PRO A 1 5  ? 0.058   1.753   0.846   1.00 0.35 ? 5  PRO A N    1 
ATOM 66  C CA   . PRO A 1 5  ? -0.207  3.041   0.160   1.00 0.38 ? 5  PRO A CA   1 
ATOM 67  C C    . PRO A 1 5  ? -1.501  3.669   0.684   1.00 0.37 ? 5  PRO A C    1 
ATOM 68  O O    . PRO A 1 5  ? -2.463  2.984   0.970   1.00 0.40 ? 5  PRO A O    1 
ATOM 69  C CB   . PRO A 1 5  ? -0.349  2.644   -1.307  1.00 0.44 ? 5  PRO A CB   1 
ATOM 70  C CG   . PRO A 1 5  ? -0.766  1.208   -1.281  1.00 0.46 ? 5  PRO A CG   1 
ATOM 71  C CD   . PRO A 1 5  ? -0.190  0.600   -0.027  1.00 0.41 ? 5  PRO A CD   1 
ATOM 72  H HA   . PRO A 1 5  ? 0.623   3.718   0.282   1.00 0.40 ? 5  PRO A HA   1 
ATOM 73  H HB2  . PRO A 1 5  ? -1.106  3.250   -1.787  1.00 0.46 ? 5  PRO A HB2  1 
ATOM 74  H HB3  . PRO A 1 5  ? 0.596   2.744   -1.817  1.00 0.48 ? 5  PRO A HB3  1 
ATOM 75  H HG2  . PRO A 1 5  ? -1.845  1.139   -1.265  1.00 0.47 ? 5  PRO A HG2  1 
ATOM 76  H HG3  . PRO A 1 5  ? -0.375  0.694   -2.145  1.00 0.53 ? 5  PRO A HG3  1 
ATOM 77  H HD2  . PRO A 1 5  ? -0.901  -0.076  0.426   1.00 0.41 ? 5  PRO A HD2  1 
ATOM 78  H HD3  . PRO A 1 5  ? 0.736   0.092   -0.243  1.00 0.46 ? 5  PRO A HD3  1 
ATOM 79  N N    . VAL A 1 6  ? -1.534  4.968   0.810   1.00 0.38 ? 6  VAL A N    1 
ATOM 80  C CA   . VAL A 1 6  ? -2.767  5.637   1.315   1.00 0.42 ? 6  VAL A CA   1 
ATOM 81  C C    . VAL A 1 6  ? -3.338  6.570   0.244   1.00 0.46 ? 6  VAL A C    1 
ATOM 82  O O    . VAL A 1 6  ? -2.689  6.876   -0.736  1.00 0.49 ? 6  VAL A O    1 
ATOM 83  C CB   . VAL A 1 6  ? -2.312  6.437   2.535   1.00 0.48 ? 6  VAL A CB   1 
ATOM 84  C CG1  . VAL A 1 6  ? -2.014  5.480   3.692   1.00 0.53 ? 6  VAL A CG1  1 
ATOM 85  C CG2  . VAL A 1 6  ? -1.046  7.222   2.186   1.00 0.54 ? 6  VAL A CG2  1 
ATOM 86  H H    . VAL A 1 6  ? -0.747  5.503   0.574   1.00 0.39 ? 6  VAL A H    1 
ATOM 87  H HA   . VAL A 1 6  ? -3.501  4.904   1.608   1.00 0.46 ? 6  VAL A HA   1 
ATOM 88  H HB   . VAL A 1 6  ? -3.094  7.122   2.829   1.00 0.55 ? 6  VAL A HB   1 
ATOM 89  H HG11 . VAL A 1 6  ? -2.844  5.480   4.382   1.00 1.10 ? 6  VAL A HG11 1 
ATOM 90  H HG12 . VAL A 1 6  ? -1.119  5.803   4.203   1.00 1.22 ? 6  VAL A HG12 1 
ATOM 91  H HG13 . VAL A 1 6  ? -1.868  4.483   3.305   1.00 1.15 ? 6  VAL A HG13 1 
ATOM 92  H HG21 . VAL A 1 6  ? -0.950  7.290   1.112   1.00 1.24 ? 6  VAL A HG21 1 
ATOM 93  H HG22 . VAL A 1 6  ? -0.184  6.716   2.594   1.00 1.11 ? 6  VAL A HG22 1 
ATOM 94  H HG23 . VAL A 1 6  ? -1.112  8.216   2.605   1.00 1.11 ? 6  VAL A HG23 1 
ATOM 95  N N    . ASP A 1 7  ? -4.548  7.024   0.423   1.00 0.52 ? 7  ASP A N    1 
ATOM 96  C CA   . ASP A 1 7  ? -5.160  7.936   -0.586  1.00 0.61 ? 7  ASP A CA   1 
ATOM 97  C C    . ASP A 1 7  ? -4.844  9.394   -0.240  1.00 0.65 ? 7  ASP A C    1 
ATOM 98  O O    . ASP A 1 7  ? -4.077  9.677   0.659   1.00 0.64 ? 7  ASP A O    1 
ATOM 99  C CB   . ASP A 1 7  ? -6.664  7.677   -0.495  1.00 0.63 ? 7  ASP A CB   1 
ATOM 100 C CG   . ASP A 1 7  ? -7.126  7.853   0.953   1.00 0.61 ? 7  ASP A CG   1 
ATOM 101 O OD1  . ASP A 1 7  ? -6.369  8.410   1.732   1.00 0.56 ? 7  ASP A OD1  1 
ATOM 102 O OD2  . ASP A 1 7  ? -8.228  7.430   1.259   1.00 0.87 ? 7  ASP A OD2  1 
ATOM 103 H H    . ASP A 1 7  ? -5.056  6.765   1.220   1.00 0.53 ? 7  ASP A H    1 
ATOM 104 H HA   . ASP A 1 7  ? -4.804  7.697   -1.575  1.00 0.68 ? 7  ASP A HA   1 
ATOM 105 H HB2  . ASP A 1 7  ? -7.189  8.377   -1.128  1.00 0.72 ? 7  ASP A HB2  1 
ATOM 106 H HB3  . ASP A 1 7  ? -6.876  6.669   -0.817  1.00 0.69 ? 7  ASP A HB3  1 
ATOM 107 N N    . SER A 1 8  ? -5.429  10.321  -0.948  1.00 0.78 ? 8  SER A N    1 
ATOM 108 C CA   . SER A 1 8  ? -5.161  11.760  -0.659  1.00 0.87 ? 8  SER A CA   1 
ATOM 109 C C    . SER A 1 8  ? -5.534  12.087  0.790   1.00 0.83 ? 8  SER A C    1 
ATOM 110 O O    . SER A 1 8  ? -5.151  13.108  1.324   1.00 0.93 ? 8  SER A O    1 
ATOM 111 C CB   . SER A 1 8  ? -6.055  12.531  -1.629  1.00 1.01 ? 8  SER A CB   1 
ATOM 112 O OG   . SER A 1 8  ? -7.411  12.159  -1.415  1.00 1.10 ? 8  SER A OG   1 
ATOM 113 H H    . SER A 1 8  ? -6.045  10.073  -1.669  1.00 0.86 ? 8  SER A H    1 
ATOM 114 H HA   . SER A 1 8  ? -4.126  11.996  -0.845  1.00 0.93 ? 8  SER A HA   1 
ATOM 115 H HB2  . SER A 1 8  ? -5.946  13.589  -1.459  1.00 1.12 ? 8  SER A HB2  1 
ATOM 116 H HB3  . SER A 1 8  ? -5.764  12.300  -2.646  1.00 1.13 ? 8  SER A HB3  1 
ATOM 117 H HG   . SER A 1 8  ? -7.961  12.714  -1.973  1.00 1.65 ? 8  SER A HG   1 
ATOM 118 N N    . LYS A 1 9  ? -6.279  11.227  1.429   1.00 0.73 ? 9  LYS A N    1 
ATOM 119 C CA   . LYS A 1 9  ? -6.675  11.489  2.843   1.00 0.75 ? 9  LYS A CA   1 
ATOM 120 C C    . LYS A 1 9  ? -5.674  10.840  3.802   1.00 0.70 ? 9  LYS A C    1 
ATOM 121 O O    . LYS A 1 9  ? -5.564  11.221  4.950   1.00 0.83 ? 9  LYS A O    1 
ATOM 122 C CB   . LYS A 1 9  ? -8.055  10.848  2.992   1.00 0.74 ? 9  LYS A CB   1 
ATOM 123 C CG   . LYS A 1 9  ? -8.706  11.335  4.289   1.00 0.87 ? 9  LYS A CG   1 
ATOM 124 C CD   . LYS A 1 9  ? -10.127 11.822  3.996   1.00 1.35 ? 9  LYS A CD   1 
ATOM 125 C CE   . LYS A 1 9  ? -10.965 11.753  5.274   1.00 1.96 ? 9  LYS A CE   1 
ATOM 126 N NZ   . LYS A 1 9  ? -12.377 11.705  4.805   1.00 2.57 ? 9  LYS A NZ   1 
ATOM 127 H H    . LYS A 1 9  ? -6.578  10.408  0.981   1.00 0.70 ? 9  LYS A H    1 
ATOM 128 H HA   . LYS A 1 9  ? -6.739  12.550  3.025   1.00 0.87 ? 9  LYS A HA   1 
ATOM 129 H HB2  . LYS A 1 9  ? -8.674  11.127  2.151   1.00 0.78 ? 9  LYS A HB2  1 
ATOM 130 H HB3  . LYS A 1 9  ? -7.952  9.774   3.025   1.00 0.75 ? 9  LYS A HB3  1 
ATOM 131 H HG2  . LYS A 1 9  ? -8.742  10.522  5.000   1.00 1.25 ? 9  LYS A HG2  1 
ATOM 132 H HG3  . LYS A 1 9  ? -8.127  12.148  4.700   1.00 1.22 ? 9  LYS A HG3  1 
ATOM 133 H HD2  . LYS A 1 9  ? -10.091 12.843  3.643   1.00 1.95 ? 9  LYS A HD2  1 
ATOM 134 H HD3  . LYS A 1 9  ? -10.574 11.196  3.240   1.00 1.83 ? 9  LYS A HD3  1 
ATOM 135 H HE2  . LYS A 1 9  ? -10.721 10.859  5.834   1.00 2.32 ? 9  LYS A HE2  1 
ATOM 136 H HE3  . LYS A 1 9  ? -10.805 12.632  5.879   1.00 2.44 ? 9  LYS A HE3  1 
ATOM 137 H HZ1  . LYS A 1 9  ? -12.986 11.353  5.570   1.00 2.99 ? 9  LYS A HZ1  1 
ATOM 138 H HZ2  . LYS A 1 9  ? -12.449 11.069  3.984   1.00 2.80 ? 9  LYS A HZ2  1 
ATOM 139 H HZ3  . LYS A 1 9  ? -12.685 12.660  4.531   1.00 2.96 ? 9  LYS A HZ3  1 
ATOM 140 N N    . GLY A 1 10 ? -4.943  9.863   3.339   1.00 0.59 ? 10 GLY A N    1 
ATOM 141 C CA   . GLY A 1 10 ? -3.950  9.191   4.225   1.00 0.60 ? 10 GLY A CA   1 
ATOM 142 C C    . GLY A 1 10 ? -4.538  7.879   4.748   1.00 0.49 ? 10 GLY A C    1 
ATOM 143 O O    . GLY A 1 10 ? -4.114  7.358   5.761   1.00 0.58 ? 10 GLY A O    1 
ATOM 144 H H    . GLY A 1 10 ? -5.047  9.571   2.410   1.00 0.57 ? 10 GLY A H    1 
ATOM 145 H HA2  . GLY A 1 10 ? -3.049  8.987   3.664   1.00 0.63 ? 10 GLY A HA2  1 
ATOM 146 H HA3  . GLY A 1 10 ? -3.718  9.835   5.060   1.00 0.70 ? 10 GLY A HA3  1 
ATOM 147 N N    . CYS A 1 11 ? -5.510  7.340   4.066   1.00 0.42 ? 11 CYS A N    1 
ATOM 148 C CA   . CYS A 1 11 ? -6.123  6.060   4.525   1.00 0.39 ? 11 CYS A CA   1 
ATOM 149 C C    . CYS A 1 11 ? -5.579  4.888   3.705   1.00 0.37 ? 11 CYS A C    1 
ATOM 150 O O    . CYS A 1 11 ? -5.417  4.979   2.504   1.00 0.40 ? 11 CYS A O    1 
ATOM 151 C CB   . CYS A 1 11 ? -7.623  6.231   4.284   1.00 0.44 ? 11 CYS A CB   1 
ATOM 152 S SG   . CYS A 1 11 ? -8.180  7.786   5.027   1.00 0.62 ? 11 CYS A SG   1 
ATOM 153 H H    . CYS A 1 11 ? -5.838  7.775   3.251   1.00 0.50 ? 11 CYS A H    1 
ATOM 154 H HA   . CYS A 1 11 ? -5.933  5.907   5.575   1.00 0.45 ? 11 CYS A HA   1 
ATOM 155 H HB2  . CYS A 1 11 ? -7.818  6.249   3.222   1.00 0.50 ? 11 CYS A HB2  1 
ATOM 156 H HB3  . CYS A 1 11 ? -8.156  5.407   4.735   1.00 0.53 ? 11 CYS A HB3  1 
ATOM 157 N N    . LYS A 1 12 ? -5.293  3.786   4.343   1.00 0.42 ? 12 LYS A N    1 
ATOM 158 C CA   . LYS A 1 12 ? -4.759  2.609   3.599   1.00 0.45 ? 12 LYS A CA   1 
ATOM 159 C C    . LYS A 1 12 ? -5.674  2.270   2.419   1.00 0.42 ? 12 LYS A C    1 
ATOM 160 O O    . LYS A 1 12 ? -6.882  2.358   2.513   1.00 0.48 ? 12 LYS A O    1 
ATOM 161 C CB   . LYS A 1 12 ? -4.750  1.467   4.616   1.00 0.51 ? 12 LYS A CB   1 
ATOM 162 C CG   . LYS A 1 12 ? -3.855  1.844   5.798   1.00 0.61 ? 12 LYS A CG   1 
ATOM 163 C CD   . LYS A 1 12 ? -3.212  0.582   6.375   1.00 0.76 ? 12 LYS A CD   1 
ATOM 164 C CE   . LYS A 1 12 ? -4.305  -0.376  6.854   1.00 1.03 ? 12 LYS A CE   1 
ATOM 165 N NZ   . LYS A 1 12 ? -3.640  -1.240  7.869   1.00 1.29 ? 12 LYS A NZ   1 
ATOM 166 H H    . LYS A 1 12 ? -5.430  3.733   5.312   1.00 0.50 ? 12 LYS A H    1 
ATOM 167 H HA   . LYS A 1 12 ? -3.756  2.804   3.255   1.00 0.50 ? 12 LYS A HA   1 
ATOM 168 H HB2  . LYS A 1 12 ? -5.757  1.291   4.967   1.00 0.57 ? 12 LYS A HB2  1 
ATOM 169 H HB3  . LYS A 1 12 ? -4.369  0.572   4.150   1.00 0.60 ? 12 LYS A HB3  1 
ATOM 170 H HG2  . LYS A 1 12 ? -3.083  2.522   5.464   1.00 0.87 ? 12 LYS A HG2  1 
ATOM 171 H HG3  . LYS A 1 12 ? -4.449  2.323   6.562   1.00 1.09 ? 12 LYS A HG3  1 
ATOM 172 H HD2  . LYS A 1 12 ? -2.618  0.099   5.610   1.00 1.56 ? 12 LYS A HD2  1 
ATOM 173 H HD3  . LYS A 1 12 ? -2.578  0.847   7.207   1.00 1.43 ? 12 LYS A HD3  1 
ATOM 174 H HE2  . LYS A 1 12 ? -5.117  0.178   7.303   1.00 1.76 ? 12 LYS A HE2  1 
ATOM 175 H HE3  . LYS A 1 12 ? -4.665  -0.978  6.035   1.00 1.71 ? 12 LYS A HE3  1 
ATOM 176 H HZ1  . LYS A 1 12 ? -2.870  -0.711  8.325   1.00 1.77 ? 12 LYS A HZ1  1 
ATOM 177 H HZ2  . LYS A 1 12 ? -3.252  -2.087  7.402   1.00 1.84 ? 12 LYS A HZ2  1 
ATOM 178 H HZ3  . LYS A 1 12 ? -4.333  -1.527  8.588   1.00 1.65 ? 12 LYS A HZ3  1 
ATOM 179 N N    . LEU A 1 13 ? -5.107  1.884   1.309   1.00 0.42 ? 13 LEU A N    1 
ATOM 180 C CA   . LEU A 1 13 ? -5.946  1.540   0.124   1.00 0.43 ? 13 LEU A CA   1 
ATOM 181 C C    . LEU A 1 13 ? -6.469  0.106   0.244   1.00 0.41 ? 13 LEU A C    1 
ATOM 182 O O    . LEU A 1 13 ? -5.721  -0.847  0.151   1.00 0.50 ? 13 LEU A O    1 
ATOM 183 C CB   . LEU A 1 13 ? -5.007  1.670   -1.076  1.00 0.50 ? 13 LEU A CB   1 
ATOM 184 C CG   . LEU A 1 13 ? -5.800  1.472   -2.368  1.00 0.65 ? 13 LEU A CG   1 
ATOM 185 C CD1  . LEU A 1 13 ? -6.751  2.652   -2.570  1.00 0.96 ? 13 LEU A CD1  1 
ATOM 186 C CD2  . LEU A 1 13 ? -4.833  1.390   -3.551  1.00 0.71 ? 13 LEU A CD2  1 
ATOM 187 H H    . LEU A 1 13 ? -4.131  1.820   1.253   1.00 0.46 ? 13 LEU A H    1 
ATOM 188 H HA   . LEU A 1 13 ? -6.766  2.234   0.028   1.00 0.47 ? 13 LEU A HA   1 
ATOM 189 H HB2  . LEU A 1 13 ? -4.557  2.653   -1.075  1.00 0.63 ? 13 LEU A HB2  1 
ATOM 190 H HB3  . LEU A 1 13 ? -4.234  0.919   -1.012  1.00 0.57 ? 13 LEU A HB3  1 
ATOM 191 H HG   . LEU A 1 13 ? -6.371  0.557   -2.303  1.00 0.77 ? 13 LEU A HG   1 
ATOM 192 H HD11 . LEU A 1 13 ? -6.208  3.578   -2.446  1.00 1.44 ? 13 LEU A HD11 1 
ATOM 193 H HD12 . LEU A 1 13 ? -7.548  2.601   -1.842  1.00 1.38 ? 13 LEU A HD12 1 
ATOM 194 H HD13 . LEU A 1 13 ? -7.171  2.612   -3.565  1.00 1.52 ? 13 LEU A HD13 1 
ATOM 195 H HD21 . LEU A 1 13 ? -4.134  2.212   -3.502  1.00 1.30 ? 13 LEU A HD21 1 
ATOM 196 H HD22 . LEU A 1 13 ? -5.389  1.446   -4.475  1.00 1.20 ? 13 LEU A HD22 1 
ATOM 197 H HD23 . LEU A 1 13 ? -4.293  0.456   -3.512  1.00 1.21 ? 13 LEU A HD23 1 
ATOM 198 N N    . SER A 1 14 ? -7.747  -0.054  0.450   1.00 0.46 ? 14 SER A N    1 
ATOM 199 C CA   . SER A 1 14 ? -8.316  -1.427  0.576   1.00 0.47 ? 14 SER A CA   1 
ATOM 200 C C    . SER A 1 14 ? -8.022  -2.239  -0.688  1.00 0.46 ? 14 SER A C    1 
ATOM 201 O O    . SER A 1 14 ? -8.096  -1.735  -1.792  1.00 0.59 ? 14 SER A O    1 
ATOM 202 C CB   . SER A 1 14 ? -9.821  -1.218  0.741   1.00 0.60 ? 14 SER A CB   1 
ATOM 203 O OG   . SER A 1 14 ? -10.053 -0.287  1.789   1.00 0.79 ? 14 SER A OG   1 
ATOM 204 H H    . SER A 1 14 ? -8.334  0.728   0.522   1.00 0.59 ? 14 SER A H    1 
ATOM 205 H HA   . SER A 1 14 ? -7.915  -1.923  1.445   1.00 0.46 ? 14 SER A HA   1 
ATOM 206 H HB2  . SER A 1 14 ? -10.235 -0.830  -0.175  1.00 0.65 ? 14 SER A HB2  1 
ATOM 207 H HB3  . SER A 1 14 ? -10.291 -2.164  0.975   1.00 0.76 ? 14 SER A HB3  1 
ATOM 208 H HG   . SER A 1 14 ? -10.864 -0.541  2.237   1.00 1.17 ? 14 SER A HG   1 
ATOM 209 N N    . CYS A 1 15 ? -7.689  -3.491  -0.537  1.00 0.47 ? 15 CYS A N    1 
ATOM 210 C CA   . CYS A 1 15 ? -7.390  -4.333  -1.731  1.00 0.54 ? 15 CYS A CA   1 
ATOM 211 C C    . CYS A 1 15 ? -8.272  -5.584  -1.730  1.00 0.46 ? 15 CYS A C    1 
ATOM 212 O O    . CYS A 1 15 ? -8.542  -6.165  -0.697  1.00 0.50 ? 15 CYS A O    1 
ATOM 213 C CB   . CYS A 1 15 ? -5.917  -4.715  -1.587  1.00 0.63 ? 15 CYS A CB   1 
ATOM 214 S SG   . CYS A 1 15 ? -5.700  -5.734  -0.107  1.00 0.62 ? 15 CYS A SG   1 
ATOM 215 H H    . CYS A 1 15 ? -7.635  -3.877  0.362   1.00 0.55 ? 15 CYS A H    1 
ATOM 216 H HA   . CYS A 1 15 ? -7.537  -3.767  -2.638  1.00 0.69 ? 15 CYS A HA   1 
ATOM 217 H HB2  . CYS A 1 15 ? -5.603  -5.272  -2.457  1.00 0.68 ? 15 CYS A HB2  1 
ATOM 218 H HB3  . CYS A 1 15 ? -5.320  -3.820  -1.498  1.00 0.80 ? 15 CYS A HB3  1 
ATOM 219 N N    . VAL A 1 16 ? -8.724  -6.004  -2.880  1.00 0.49 ? 16 VAL A N    1 
ATOM 220 C CA   . VAL A 1 16 ? -9.588  -7.217  -2.945  1.00 0.57 ? 16 VAL A CA   1 
ATOM 221 C C    . VAL A 1 16 ? -8.907  -8.307  -3.779  1.00 0.51 ? 16 VAL A C    1 
ATOM 222 O O    . VAL A 1 16 ? -9.311  -9.453  -3.768  1.00 0.69 ? 16 VAL A O    1 
ATOM 223 C CB   . VAL A 1 16 ? -10.876 -6.750  -3.621  1.00 0.76 ? 16 VAL A CB   1 
ATOM 224 C CG1  . VAL A 1 16 ? -10.595 -6.432  -5.091  1.00 0.78 ? 16 VAL A CG1  1 
ATOM 225 C CG2  . VAL A 1 16 ? -11.928 -7.858  -3.533  1.00 0.94 ? 16 VAL A CG2  1 
ATOM 226 H H    . VAL A 1 16 ? -8.494  -5.521  -3.702  1.00 0.55 ? 16 VAL A H    1 
ATOM 227 H HA   . VAL A 1 16 ? -9.803  -7.581  -1.952  1.00 0.62 ? 16 VAL A HA   1 
ATOM 228 H HB   . VAL A 1 16 ? -11.242 -5.863  -3.125  1.00 0.88 ? 16 VAL A HB   1 
ATOM 229 H HG11 . VAL A 1 16 ? -11.274 -5.662  -5.429  1.00 1.29 ? 16 VAL A HG11 1 
ATOM 230 H HG12 . VAL A 1 16 ? -10.738 -7.323  -5.686  1.00 1.24 ? 16 VAL A HG12 1 
ATOM 231 H HG13 . VAL A 1 16 ? -9.578  -6.087  -5.197  1.00 1.31 ? 16 VAL A HG13 1 
ATOM 232 H HG21 . VAL A 1 16 ? -12.177 -8.198  -4.527  1.00 1.46 ? 16 VAL A HG21 1 
ATOM 233 H HG22 . VAL A 1 16 ? -12.815 -7.475  -3.051  1.00 1.46 ? 16 VAL A HG22 1 
ATOM 234 H HG23 . VAL A 1 16 ? -11.534 -8.684  -2.958  1.00 1.30 ? 16 VAL A HG23 1 
ATOM 235 N N    . ALA A 1 17 ? -7.878  -7.957  -4.501  1.00 0.46 ? 17 ALA A N    1 
ATOM 236 C CA   . ALA A 1 17 ? -7.173  -8.974  -5.335  1.00 0.46 ? 17 ALA A CA   1 
ATOM 237 C C    . ALA A 1 17 ? -5.670  -8.685  -5.361  1.00 0.42 ? 17 ALA A C    1 
ATOM 238 O O    . ALA A 1 17 ? -5.241  -7.558  -5.202  1.00 0.59 ? 17 ALA A O    1 
ATOM 239 C CB   . ALA A 1 17 ? -7.772  -8.823  -6.733  1.00 0.50 ? 17 ALA A CB   1 
ATOM 240 H H    . ALA A 1 17 ? -7.569  -7.027  -4.496  1.00 0.57 ? 17 ALA A H    1 
ATOM 241 H HA   . ALA A 1 17 ? -7.361  -9.966  -4.959  1.00 0.52 ? 17 ALA A HA   1 
ATOM 242 H HB1  . ALA A 1 17 ? -8.845  -8.719  -6.657  1.00 1.21 ? 17 ALA A HB1  1 
ATOM 243 H HB2  . ALA A 1 17 ? -7.538  -9.698  -7.322  1.00 1.08 ? 17 ALA A HB2  1 
ATOM 244 H HB3  . ALA A 1 17 ? -7.359  -7.947  -7.210  1.00 1.09 ? 17 ALA A HB3  1 
ATOM 245 N N    . ASN A 1 18 ? -4.866  -9.694  -5.559  1.00 0.36 ? 18 ASN A N    1 
ATOM 246 C CA   . ASN A 1 18 ? -3.391  -9.475  -5.594  1.00 0.36 ? 18 ASN A CA   1 
ATOM 247 C C    . ASN A 1 18 ? -3.000  -8.710  -6.862  1.00 0.34 ? 18 ASN A C    1 
ATOM 248 O O    . ASN A 1 18 ? -2.233  -7.767  -6.817  1.00 0.44 ? 18 ASN A O    1 
ATOM 249 C CB   . ASN A 1 18 ? -2.784  -10.878 -5.607  1.00 0.42 ? 18 ASN A CB   1 
ATOM 250 C CG   . ASN A 1 18 ? -2.707  -11.414 -4.176  1.00 0.49 ? 18 ASN A CG   1 
ATOM 251 O OD1  . ASN A 1 18 ? -2.601  -10.653 -3.235  1.00 0.57 ? 18 ASN A OD1  1 
ATOM 252 N ND2  . ASN A 1 18 ? -2.757  -12.702 -3.971  1.00 0.75 ? 18 ASN A ND2  1 
ATOM 253 H H    . ASN A 1 18 ? -5.231  -10.593 -5.685  1.00 0.46 ? 18 ASN A H    1 
ATOM 254 H HA   . ASN A 1 18 ? -3.068  -8.941  -4.716  1.00 0.38 ? 18 ASN A HA   1 
ATOM 255 H HB2  . ASN A 1 18 ? -3.402  -11.533 -6.205  1.00 0.45 ? 18 ASN A HB2  1 
ATOM 256 H HB3  . ASN A 1 18 ? -1.790  -10.837 -6.027  1.00 0.49 ? 18 ASN A HB3  1 
ATOM 257 H HD21 . ASN A 1 18 ? -2.842  -13.316 -4.730  1.00 0.92 ? 18 ASN A HD21 1 
ATOM 258 H HD22 . ASN A 1 18 ? -2.709  -13.055 -3.058  1.00 0.86 ? 18 ASN A HD22 1 
ATOM 259 N N    . ASN A 1 19 ? -3.521  -9.106  -7.991  1.00 0.32 ? 19 ASN A N    1 
ATOM 260 C CA   . ASN A 1 19 ? -3.178  -8.401  -9.259  1.00 0.36 ? 19 ASN A CA   1 
ATOM 261 C C    . ASN A 1 19 ? -3.374  -6.891  -9.094  1.00 0.33 ? 19 ASN A C    1 
ATOM 262 O O    . ASN A 1 19 ? -2.550  -6.099  -9.507  1.00 0.40 ? 19 ASN A O    1 
ATOM 263 C CB   . ASN A 1 19 ? -4.152  -8.957  -10.298 1.00 0.42 ? 19 ASN A CB   1 
ATOM 264 C CG   . ASN A 1 19 ? -5.589  -8.723  -9.827  1.00 0.54 ? 19 ASN A CG   1 
ATOM 265 O OD1  . ASN A 1 19 ? -5.832  -8.526  -8.652  1.00 0.98 ? 19 ASN A OD1  1 
ATOM 266 N ND2  . ASN A 1 19 ? -6.559  -8.737  -10.700 1.00 1.06 ? 19 ASN A ND2  1 
ATOM 267 H H    . ASN A 1 19 ? -4.137  -9.867  -8.005  1.00 0.37 ? 19 ASN A H    1 
ATOM 268 H HA   . ASN A 1 19 ? -2.163  -8.620  -9.550  1.00 0.41 ? 19 ASN A HA   1 
ATOM 269 H HB2  . ASN A 1 19 ? -3.995  -8.457  -11.242 1.00 0.49 ? 19 ASN A HB2  1 
ATOM 270 H HB3  . ASN A 1 19 ? -3.984  -10.016 -10.418 1.00 0.51 ? 19 ASN A HB3  1 
ATOM 271 H HD21 . ASN A 1 19 ? -6.363  -8.896  -11.647 1.00 1.58 ? 19 ASN A HD21 1 
ATOM 272 H HD22 . ASN A 1 19 ? -7.483  -8.589  -10.408 1.00 1.15 ? 19 ASN A HD22 1 
ATOM 273 N N    . TYR A 1 20 ? -4.458  -6.485  -8.491  1.00 0.30 ? 20 TYR A N    1 
ATOM 274 C CA   . TYR A 1 20 ? -4.705  -5.028  -8.301  1.00 0.33 ? 20 TYR A CA   1 
ATOM 275 C C    . TYR A 1 20 ? -3.501  -4.372  -7.620  1.00 0.31 ? 20 TYR A C    1 
ATOM 276 O O    . TYR A 1 20 ? -2.944  -3.411  -8.112  1.00 0.38 ? 20 TYR A O    1 
ATOM 277 C CB   . TYR A 1 20 ? -5.939  -4.949  -7.401  1.00 0.40 ? 20 TYR A CB   1 
ATOM 278 C CG   . TYR A 1 20 ? -6.154  -3.521  -6.963  1.00 0.42 ? 20 TYR A CG   1 
ATOM 279 C CD1  . TYR A 1 20 ? -5.761  -2.466  -7.796  1.00 1.17 ? 20 TYR A CD1  1 
ATOM 280 C CD2  . TYR A 1 20 ? -6.745  -3.250  -5.724  1.00 1.30 ? 20 TYR A CD2  1 
ATOM 281 C CE1  . TYR A 1 20 ? -5.960  -1.141  -7.390  1.00 1.17 ? 20 TYR A CE1  1 
ATOM 282 C CE2  . TYR A 1 20 ? -6.944  -1.925  -5.317  1.00 1.36 ? 20 TYR A CE2  1 
ATOM 283 C CZ   . TYR A 1 20 ? -6.551  -0.871  -6.150  1.00 0.58 ? 20 TYR A CZ   1 
ATOM 284 O OH   . TYR A 1 20 ? -6.747  0.436   -5.750  1.00 0.68 ? 20 TYR A OH   1 
ATOM 285 H H    . TYR A 1 20 ? -5.111  -7.141  -8.165  1.00 0.33 ? 20 TYR A H    1 
ATOM 286 H HA   . TYR A 1 20 ? -4.909  -4.553  -9.247  1.00 0.37 ? 20 TYR A HA   1 
ATOM 287 H HB2  . TYR A 1 20 ? -6.806  -5.293  -7.948  1.00 0.47 ? 20 TYR A HB2  1 
ATOM 288 H HB3  . TYR A 1 20 ? -5.792  -5.573  -6.532  1.00 0.43 ? 20 TYR A HB3  1 
ATOM 289 H HD1  . TYR A 1 20 ? -5.304  -2.675  -8.753  1.00 2.03 ? 20 TYR A HD1  1 
ATOM 290 H HD2  . TYR A 1 20 ? -7.049  -4.063  -5.081  1.00 2.14 ? 20 TYR A HD2  1 
ATOM 291 H HE1  . TYR A 1 20 ? -5.656  -0.328  -8.032  1.00 2.00 ? 20 TYR A HE1  1 
ATOM 292 H HE2  . TYR A 1 20 ? -7.401  -1.715  -4.361  1.00 2.22 ? 20 TYR A HE2  1 
ATOM 293 H HH   . TYR A 1 20 ? -7.577  0.739   -6.125  1.00 1.24 ? 20 TYR A HH   1 
ATOM 294 N N    . CYS A 1 21 ? -3.096  -4.883  -6.489  1.00 0.32 ? 21 CYS A N    1 
ATOM 295 C CA   . CYS A 1 21 ? -1.928  -4.287  -5.778  1.00 0.33 ? 21 CYS A CA   1 
ATOM 296 C C    . CYS A 1 21 ? -0.660  -4.443  -6.620  1.00 0.31 ? 21 CYS A C    1 
ATOM 297 O O    . CYS A 1 21 ? 0.151   -3.543  -6.711  1.00 0.36 ? 21 CYS A O    1 
ATOM 298 C CB   . CYS A 1 21 ? -1.810  -5.083  -4.477  1.00 0.38 ? 21 CYS A CB   1 
ATOM 299 S SG   . CYS A 1 21 ? -2.941  -4.394  -3.244  1.00 0.43 ? 21 CYS A SG   1 
ATOM 300 H H    . CYS A 1 21 ? -3.559  -5.658  -6.108  1.00 0.37 ? 21 CYS A H    1 
ATOM 301 H HA   . CYS A 1 21 ? -2.111  -3.247  -5.558  1.00 0.37 ? 21 CYS A HA   1 
ATOM 302 H HB2  . CYS A 1 21 ? -2.065  -6.115  -4.663  1.00 0.42 ? 21 CYS A HB2  1 
ATOM 303 H HB3  . CYS A 1 21 ? -0.796  -5.023  -4.110  1.00 0.40 ? 21 CYS A HB3  1 
ATOM 304 N N    . ASP A 1 22 ? -0.482  -5.579  -7.238  1.00 0.33 ? 22 ASP A N    1 
ATOM 305 C CA   . ASP A 1 22 ? 0.734   -5.791  -8.074  1.00 0.38 ? 22 ASP A CA   1 
ATOM 306 C C    . ASP A 1 22 ? 0.955   -4.592  -9.001  1.00 0.37 ? 22 ASP A C    1 
ATOM 307 O O    . ASP A 1 22 ? 2.001   -3.975  -8.996  1.00 0.40 ? 22 ASP A O    1 
ATOM 308 C CB   . ASP A 1 22 ? 0.441   -7.052  -8.888  1.00 0.43 ? 22 ASP A CB   1 
ATOM 309 C CG   . ASP A 1 22 ? 1.720   -7.516  -9.589  1.00 0.55 ? 22 ASP A CG   1 
ATOM 310 O OD1  . ASP A 1 22 ? 2.743   -7.582  -8.929  1.00 1.25 ? 22 ASP A OD1  1 
ATOM 311 O OD2  . ASP A 1 22 ? 1.652   -7.798  -10.774 1.00 1.16 ? 22 ASP A OD2  1 
ATOM 312 H H    . ASP A 1 22 ? -1.148  -6.293  -7.152  1.00 0.37 ? 22 ASP A H    1 
ATOM 313 H HA   . ASP A 1 22 ? 1.599   -5.948  -7.449  1.00 0.42 ? 22 ASP A HA   1 
ATOM 314 H HB2  . ASP A 1 22 ? 0.088   -7.831  -8.228  1.00 0.52 ? 22 ASP A HB2  1 
ATOM 315 H HB3  . ASP A 1 22 ? -0.314  -6.835  -9.628  1.00 0.47 ? 22 ASP A HB3  1 
ATOM 316 N N    . ASN A 1 23 ? -0.024  -4.259  -9.797  1.00 0.44 ? 23 ASN A N    1 
ATOM 317 C CA   . ASN A 1 23 ? 0.130   -3.100  -10.723 1.00 0.51 ? 23 ASN A CA   1 
ATOM 318 C C    . ASN A 1 23 ? 0.332   -1.809  -9.927  1.00 0.50 ? 23 ASN A C    1 
ATOM 319 O O    . ASN A 1 23 ? 1.318   -1.118  -10.087 1.00 0.55 ? 23 ASN A O    1 
ATOM 320 C CB   . ASN A 1 23 ? -1.181  -3.046  -11.510 1.00 0.60 ? 23 ASN A CB   1 
ATOM 321 C CG   . ASN A 1 23 ? -1.005  -2.142  -12.732 1.00 0.81 ? 23 ASN A CG   1 
ATOM 322 O OD1  . ASN A 1 23 ? 0.056   -1.593  -12.949 1.00 1.26 ? 23 ASN A OD1  1 
ATOM 323 N ND2  . ASN A 1 23 ? -2.009  -1.965  -13.547 1.00 1.37 ? 23 ASN A ND2  1 
ATOM 324 H H    . ASN A 1 23 ? -0.861  -4.769  -9.786  1.00 0.50 ? 23 ASN A H    1 
ATOM 325 H HA   . ASN A 1 23 ? 0.956   -3.263  -11.396 1.00 0.55 ? 23 ASN A HA   1 
ATOM 326 H HB2  . ASN A 1 23 ? -1.449  -4.042  -11.832 1.00 0.65 ? 23 ASN A HB2  1 
ATOM 327 H HB3  . ASN A 1 23 ? -1.962  -2.648  -10.880 1.00 0.67 ? 23 ASN A HB3  1 
ATOM 328 H HD21 . ASN A 1 23 ? -2.866  -2.409  -13.373 1.00 1.90 ? 23 ASN A HD21 1 
ATOM 329 H HD22 . ASN A 1 23 ? -1.908  -1.390  -14.333 1.00 1.54 ? 23 ASN A HD22 1 
ATOM 330 N N    . GLN A 1 24 ? -0.594  -1.478  -9.069  1.00 0.48 ? 24 GLN A N    1 
ATOM 331 C CA   . GLN A 1 24 ? -0.453  -0.231  -8.263  1.00 0.51 ? 24 GLN A CA   1 
ATOM 332 C C    . GLN A 1 24 ? 0.961   -0.132  -7.684  1.00 0.45 ? 24 GLN A C    1 
ATOM 333 O O    . GLN A 1 24 ? 1.710   0.770   -8.003  1.00 0.54 ? 24 GLN A O    1 
ATOM 334 C CB   . GLN A 1 24 ? -1.483  -0.366  -7.142  1.00 0.53 ? 24 GLN A CB   1 
ATOM 335 C CG   . GLN A 1 24 ? -1.647  0.980   -6.433  1.00 0.65 ? 24 GLN A CG   1 
ATOM 336 C CD   . GLN A 1 24 ? -2.451  1.931   -7.323  1.00 0.86 ? 24 GLN A CD   1 
ATOM 337 O OE1  . GLN A 1 24 ? -3.629  1.730   -7.537  1.00 1.52 ? 24 GLN A OE1  1 
ATOM 338 N NE2  . GLN A 1 24 ? -1.859  2.966   -7.853  1.00 1.34 ? 24 GLN A NE2  1 
ATOM 339 H H    . GLN A 1 24 ? -1.382  -2.050  -8.954  1.00 0.50 ? 24 GLN A H    1 
ATOM 340 H HA   . GLN A 1 24 ? -0.677  0.634   -8.866  1.00 0.59 ? 24 GLN A HA   1 
ATOM 341 H HB2  . GLN A 1 24 ? -2.432  -0.672  -7.559  1.00 0.55 ? 24 GLN A HB2  1 
ATOM 342 H HB3  . GLN A 1 24 ? -1.147  -1.106  -6.431  1.00 0.55 ? 24 GLN A HB3  1 
ATOM 343 H HG2  . GLN A 1 24 ? -2.168  0.833   -5.498  1.00 0.76 ? 24 GLN A HG2  1 
ATOM 344 H HG3  . GLN A 1 24 ? -0.674  1.407   -6.240  1.00 0.74 ? 24 GLN A HG3  1 
ATOM 345 H HE21 . GLN A 1 24 ? -0.908  3.128   -7.680  1.00 1.97 ? 24 GLN A HE21 1 
ATOM 346 H HE22 . GLN A 1 24 ? -2.365  3.580   -8.424  1.00 1.47 ? 24 GLN A HE22 1 
ATOM 347 N N    . CYS A 1 25 ? 1.331   -1.051  -6.836  1.00 0.34 ? 25 CYS A N    1 
ATOM 348 C CA   . CYS A 1 25 ? 2.697   -1.009  -6.238  1.00 0.30 ? 25 CYS A CA   1 
ATOM 349 C C    . CYS A 1 25 ? 3.744   -0.773  -7.329  1.00 0.34 ? 25 CYS A C    1 
ATOM 350 O O    . CYS A 1 25 ? 4.565   0.118   -7.234  1.00 0.37 ? 25 CYS A O    1 
ATOM 351 C CB   . CYS A 1 25 ? 2.890   -2.381  -5.594  1.00 0.26 ? 25 CYS A CB   1 
ATOM 352 S SG   . CYS A 1 25 ? 1.701   -2.589  -4.245  1.00 0.25 ? 25 CYS A SG   1 
ATOM 353 H H    . CYS A 1 25 ? 0.712   -1.770  -6.592  1.00 0.32 ? 25 CYS A H    1 
ATOM 354 H HA   . CYS A 1 25 ? 2.755   -0.238  -5.486  1.00 0.33 ? 25 CYS A HA   1 
ATOM 355 H HB2  . CYS A 1 25 ? 2.732   -3.151  -6.335  1.00 0.30 ? 25 CYS A HB2  1 
ATOM 356 H HB3  . CYS A 1 25 ? 3.894   -2.457  -5.204  1.00 0.26 ? 25 CYS A HB3  1 
ATOM 357 N N    . LYS A 1 26 ? 3.725   -1.567  -8.364  1.00 0.39 ? 26 LYS A N    1 
ATOM 358 C CA   . LYS A 1 26 ? 4.721   -1.388  -9.461  1.00 0.49 ? 26 LYS A CA   1 
ATOM 359 C C    . LYS A 1 26 ? 4.821   0.089   -9.848  1.00 0.54 ? 26 LYS A C    1 
ATOM 360 O O    . LYS A 1 26 ? 5.894   0.657   -9.897  1.00 0.61 ? 26 LYS A O    1 
ATOM 361 C CB   . LYS A 1 26 ? 4.177   -2.214  -10.627 1.00 0.55 ? 26 LYS A CB   1 
ATOM 362 C CG   . LYS A 1 26 ? 5.135   -2.110  -11.816 1.00 0.79 ? 26 LYS A CG   1 
ATOM 363 C CD   . LYS A 1 26 ? 5.313   -3.490  -12.451 1.00 1.43 ? 26 LYS A CD   1 
ATOM 364 C CE   . LYS A 1 26 ? 6.746   -3.636  -12.966 1.00 2.15 ? 26 LYS A CE   1 
ATOM 365 N NZ   . LYS A 1 26 ? 6.861   -5.061  -13.384 1.00 2.88 ? 26 LYS A NZ   1 
ATOM 366 H H    . LYS A 1 26 ? 3.055   -2.280  -8.422  1.00 0.40 ? 26 LYS A H    1 
ATOM 367 H HA   . LYS A 1 26 ? 5.684   -1.766  -9.159  1.00 0.50 ? 26 LYS A HA   1 
ATOM 368 H HB2  . LYS A 1 26 ? 4.087   -3.248  -10.325 1.00 0.51 ? 26 LYS A HB2  1 
ATOM 369 H HB3  . LYS A 1 26 ? 3.208   -1.837  -10.915 1.00 0.58 ? 26 LYS A HB3  1 
ATOM 370 H HG2  . LYS A 1 26 ? 4.728   -1.426  -12.546 1.00 1.23 ? 26 LYS A HG2  1 
ATOM 371 H HG3  . LYS A 1 26 ? 6.093   -1.747  -11.476 1.00 0.98 ? 26 LYS A HG3  1 
ATOM 372 H HD2  . LYS A 1 26 ? 5.115   -4.254  -11.712 1.00 1.84 ? 26 LYS A HD2  1 
ATOM 373 H HD3  . LYS A 1 26 ? 4.624   -3.600  -13.275 1.00 1.95 ? 26 LYS A HD3  1 
ATOM 374 H HE2  . LYS A 1 26 ? 6.910   -2.979  -13.809 1.00 2.41 ? 26 LYS A HE2  1 
ATOM 375 H HE3  . LYS A 1 26 ? 7.452   -3.424  -12.178 1.00 2.68 ? 26 LYS A HE3  1 
ATOM 376 H HZ1  . LYS A 1 26 ? 6.356   -5.664  -12.705 1.00 3.42 ? 26 LYS A HZ1  1 
ATOM 377 H HZ2  . LYS A 1 26 ? 7.865   -5.334  -13.412 1.00 3.02 ? 26 LYS A HZ2  1 
ATOM 378 H HZ3  . LYS A 1 26 ? 6.442   -5.180  -14.328 1.00 3.29 ? 26 LYS A HZ3  1 
ATOM 379 N N    . MET A 1 27 ? 3.710   0.717   -10.125 1.00 0.57 ? 27 MET A N    1 
ATOM 380 C CA   . MET A 1 27 ? 3.744   2.157   -10.510 1.00 0.66 ? 27 MET A CA   1 
ATOM 381 C C    . MET A 1 27 ? 4.423   2.982   -9.412  1.00 0.63 ? 27 MET A C    1 
ATOM 382 O O    . MET A 1 27 ? 5.028   4.001   -9.674  1.00 0.70 ? 27 MET A O    1 
ATOM 383 C CB   . MET A 1 27 ? 2.276   2.562   -10.656 1.00 0.72 ? 27 MET A CB   1 
ATOM 384 C CG   . MET A 1 27 ? 1.671   1.860   -11.873 1.00 0.88 ? 27 MET A CG   1 
ATOM 385 S SD   . MET A 1 27 ? 0.466   2.954   -12.663 1.00 1.36 ? 27 MET A SD   1 
ATOM 386 C CE   . MET A 1 27 ? -0.762  2.938   -11.334 1.00 1.35 ? 27 MET A CE   1 
ATOM 387 H H    . MET A 1 27 ? 2.855   0.241   -10.080 1.00 0.57 ? 27 MET A H    1 
ATOM 388 H HA   . MET A 1 27 ? 4.256   2.284   -11.450 1.00 0.74 ? 27 MET A HA   1 
ATOM 389 H HB2  . MET A 1 27 ? 1.734   2.275   -9.766  1.00 0.65 ? 27 MET A HB2  1 
ATOM 390 H HB3  . MET A 1 27 ? 2.210   3.631   -10.789 1.00 0.83 ? 27 MET A HB3  1 
ATOM 391 H HG2  . MET A 1 27 ? 2.454   1.619   -12.575 1.00 1.32 ? 27 MET A HG2  1 
ATOM 392 H HG3  . MET A 1 27 ? 1.179   0.952   -11.556 1.00 1.10 ? 27 MET A HG3  1 
ATOM 393 H HE1  . MET A 1 27 ? -1.594  3.574   -11.605 1.00 1.88 ? 27 MET A HE1  1 
ATOM 394 H HE2  . MET A 1 27 ? -0.314  3.303   -10.424 1.00 1.62 ? 27 MET A HE2  1 
ATOM 395 H HE3  . MET A 1 27 ? -1.110  1.925   -11.180 1.00 1.84 ? 27 MET A HE3  1 
ATOM 396 N N    . LYS A 1 28 ? 4.325   2.547   -8.185  1.00 0.56 ? 28 LYS A N    1 
ATOM 397 C CA   . LYS A 1 28 ? 4.965   3.308   -7.074  1.00 0.57 ? 28 LYS A CA   1 
ATOM 398 C C    . LYS A 1 28 ? 6.415   2.852   -6.886  1.00 0.54 ? 28 LYS A C    1 
ATOM 399 O O    . LYS A 1 28 ? 7.012   3.060   -5.849  1.00 0.60 ? 28 LYS A O    1 
ATOM 400 C CB   . LYS A 1 28 ? 4.133   2.973   -5.835  1.00 0.54 ? 28 LYS A CB   1 
ATOM 401 C CG   . LYS A 1 28 ? 2.752   3.618   -5.957  1.00 0.69 ? 28 LYS A CG   1 
ATOM 402 C CD   . LYS A 1 28 ? 2.504   4.527   -4.751  1.00 1.02 ? 28 LYS A CD   1 
ATOM 403 C CE   . LYS A 1 28 ? 1.152   5.226   -4.907  1.00 1.51 ? 28 LYS A CE   1 
ATOM 404 N NZ   . LYS A 1 28 ? 1.394   6.631   -4.479  1.00 1.67 ? 28 LYS A NZ   1 
ATOM 405 H H    . LYS A 1 28 ? 3.833   1.723   -7.995  1.00 0.54 ? 28 LYS A H    1 
ATOM 406 H HA   . LYS A 1 28 ? 4.924   4.368   -7.269  1.00 0.64 ? 28 LYS A HA   1 
ATOM 407 H HB2  . LYS A 1 28 ? 4.025   1.901   -5.754  1.00 0.51 ? 28 LYS A HB2  1 
ATOM 408 H HB3  . LYS A 1 28 ? 4.629   3.352   -4.954  1.00 0.59 ? 28 LYS A HB3  1 
ATOM 409 H HG2  . LYS A 1 28 ? 2.707   4.203   -6.864  1.00 1.07 ? 28 LYS A HG2  1 
ATOM 410 H HG3  . LYS A 1 28 ? 1.996   2.849   -5.987  1.00 1.15 ? 28 LYS A HG3  1 
ATOM 411 H HD2  . LYS A 1 28 ? 2.502   3.934   -3.848  1.00 1.62 ? 28 LYS A HD2  1 
ATOM 412 H HD3  . LYS A 1 28 ? 3.286   5.269   -4.693  1.00 1.61 ? 28 LYS A HD3  1 
ATOM 413 H HE2  . LYS A 1 28 ? 0.829   5.193   -5.939  1.00 2.03 ? 28 LYS A HE2  1 
ATOM 414 H HE3  . LYS A 1 28 ? 0.414   4.766   -4.267  1.00 2.19 ? 28 LYS A HE3  1 
ATOM 415 H HZ1  . LYS A 1 28 ? 1.389   6.684   -3.441  1.00 2.06 ? 28 LYS A HZ1  1 
ATOM 416 H HZ2  . LYS A 1 28 ? 0.645   7.244   -4.862  1.00 1.91 ? 28 LYS A HZ2  1 
ATOM 417 H HZ3  . LYS A 1 28 ? 2.318   6.949   -4.836  1.00 2.17 ? 28 LYS A HZ3  1 
ATOM 418 N N    . LYS A 1 29 ? 6.985   2.233   -7.883  1.00 0.55 ? 29 LYS A N    1 
ATOM 419 C CA   . LYS A 1 29 ? 8.396   1.766   -7.761  1.00 0.57 ? 29 LYS A CA   1 
ATOM 420 C C    . LYS A 1 29 ? 8.500   0.673   -6.694  1.00 0.50 ? 29 LYS A C    1 
ATOM 421 O O    . LYS A 1 29 ? 9.453   0.615   -5.941  1.00 0.65 ? 29 LYS A O    1 
ATOM 422 C CB   . LYS A 1 29 ? 9.189   3.003   -7.341  1.00 0.65 ? 29 LYS A CB   1 
ATOM 423 C CG   . LYS A 1 29 ? 10.636  2.871   -7.821  1.00 0.77 ? 29 LYS A CG   1 
ATOM 424 C CD   . LYS A 1 29 ? 11.438  4.092   -7.368  1.00 1.34 ? 29 LYS A CD   1 
ATOM 425 C CE   . LYS A 1 29 ? 12.344  4.560   -8.509  1.00 1.77 ? 29 LYS A CE   1 
ATOM 426 N NZ   . LYS A 1 29 ? 13.607  4.988   -7.846  1.00 2.63 ? 29 LYS A NZ   1 
ATOM 427 H H    . LYS A 1 29 ? 6.486   2.076   -8.712  1.00 0.62 ? 29 LYS A H    1 
ATOM 428 H HA   . LYS A 1 29 ? 8.756   1.402   -8.710  1.00 0.63 ? 29 LYS A HA   1 
ATOM 429 H HB2  . LYS A 1 29 ? 8.741   3.883   -7.781  1.00 0.72 ? 29 LYS A HB2  1 
ATOM 430 H HB3  . LYS A 1 29 ? 9.175   3.092   -6.265  1.00 0.68 ? 29 LYS A HB3  1 
ATOM 431 H HG2  . LYS A 1 29 ? 11.073  1.975   -7.402  1.00 1.25 ? 29 LYS A HG2  1 
ATOM 432 H HG3  . LYS A 1 29 ? 10.653  2.810   -8.899  1.00 0.91 ? 29 LYS A HG3  1 
ATOM 433 H HD2  . LYS A 1 29 ? 10.759  4.887   -7.096  1.00 1.83 ? 29 LYS A HD2  1 
ATOM 434 H HD3  . LYS A 1 29 ? 12.045  3.828   -6.515  1.00 1.98 ? 29 LYS A HD3  1 
ATOM 435 H HE2  . LYS A 1 29 ? 12.534  3.745   -9.195  1.00 2.01 ? 29 LYS A HE2  1 
ATOM 436 H HE3  . LYS A 1 29 ? 11.897  5.395   -9.027  1.00 2.22 ? 29 LYS A HE3  1 
ATOM 437 H HZ1  . LYS A 1 29 ? 14.094  5.684   -8.444  1.00 3.22 ? 29 LYS A HZ1  1 
ATOM 438 H HZ2  . LYS A 1 29 ? 14.221  4.160   -7.703  1.00 2.97 ? 29 LYS A HZ2  1 
ATOM 439 H HZ3  . LYS A 1 29 ? 13.386  5.420   -6.926  1.00 2.91 ? 29 LYS A HZ3  1 
ATOM 440 N N    . ALA A 1 30 ? 7.527   -0.194  -6.622  1.00 0.36 ? 30 ALA A N    1 
ATOM 441 C CA   . ALA A 1 30 ? 7.572   -1.281  -5.602  1.00 0.32 ? 30 ALA A CA   1 
ATOM 442 C C    . ALA A 1 30 ? 7.837   -2.630  -6.278  1.00 0.37 ? 30 ALA A C    1 
ATOM 443 O O    . ALA A 1 30 ? 7.639   -2.789  -7.467  1.00 0.47 ? 30 ALA A O    1 
ATOM 444 C CB   . ALA A 1 30 ? 6.189   -1.270  -4.950  1.00 0.27 ? 30 ALA A CB   1 
ATOM 445 H H    . ALA A 1 30 ? 6.768   -0.130  -7.237  1.00 0.38 ? 30 ALA A H    1 
ATOM 446 H HA   . ALA A 1 30 ? 8.330   -1.075  -4.863  1.00 0.36 ? 30 ALA A HA   1 
ATOM 447 H HB1  . ALA A 1 30 ? 5.981   -2.244  -4.531  1.00 1.05 ? 30 ALA A HB1  1 
ATOM 448 H HB2  . ALA A 1 30 ? 5.443   -1.032  -5.694  1.00 1.05 ? 30 ALA A HB2  1 
ATOM 449 H HB3  . ALA A 1 30 ? 6.167   -0.527  -4.166  1.00 1.04 ? 30 ALA A HB3  1 
ATOM 450 N N    . SER A 1 31 ? 8.282   -3.602  -5.530  1.00 0.41 ? 31 SER A N    1 
ATOM 451 C CA   . SER A 1 31 ? 8.559   -4.938  -6.131  1.00 0.52 ? 31 SER A CA   1 
ATOM 452 C C    . SER A 1 31 ? 7.597   -5.984  -5.561  1.00 0.46 ? 31 SER A C    1 
ATOM 453 O O    . SER A 1 31 ? 7.195   -6.908  -6.239  1.00 0.58 ? 31 SER A O    1 
ATOM 454 C CB   . SER A 1 31 ? 9.999   -5.261  -5.734  1.00 0.66 ? 31 SER A CB   1 
ATOM 455 O OG   . SER A 1 31 ? 10.104  -6.648  -5.439  1.00 1.53 ? 31 SER A OG   1 
ATOM 456 H H    . SER A 1 31 ? 8.436   -3.453  -4.574  1.00 0.43 ? 31 SER A H    1 
ATOM 457 H HA   . SER A 1 31 ? 8.474   -4.894  -7.206  1.00 0.59 ? 31 SER A HA   1 
ATOM 458 H HB2  . SER A 1 31 ? 10.661  -5.020  -6.547  1.00 1.17 ? 31 SER A HB2  1 
ATOM 459 H HB3  . SER A 1 31 ? 10.271  -4.675  -4.866  1.00 1.27 ? 31 SER A HB3  1 
ATOM 460 H HG   . SER A 1 31 ? 10.812  -6.761  -4.801  1.00 1.99 ? 31 SER A HG   1 
ATOM 461 N N    . GLY A 1 32 ? 7.225   -5.846  -4.317  1.00 0.36 ? 32 GLY A N    1 
ATOM 462 C CA   . GLY A 1 32 ? 6.290   -6.832  -3.704  1.00 0.33 ? 32 GLY A CA   1 
ATOM 463 C C    . GLY A 1 32 ? 4.921   -6.182  -3.504  1.00 0.27 ? 32 GLY A C    1 
ATOM 464 O O    . GLY A 1 32 ? 4.596   -5.715  -2.430  1.00 0.25 ? 32 GLY A O    1 
ATOM 465 H H    . GLY A 1 32 ? 7.561   -5.094  -3.786  1.00 0.39 ? 32 GLY A H    1 
ATOM 466 H HA2  . GLY A 1 32 ? 6.193   -7.688  -4.358  1.00 0.37 ? 32 GLY A HA2  1 
ATOM 467 H HA3  . GLY A 1 32 ? 6.677   -7.150  -2.749  1.00 0.37 ? 32 GLY A HA3  1 
ATOM 468 N N    . GLY A 1 33 ? 4.113   -6.147  -4.528  1.00 0.28 ? 33 GLY A N    1 
ATOM 469 C CA   . GLY A 1 33 ? 2.765   -5.526  -4.395  1.00 0.26 ? 33 GLY A CA   1 
ATOM 470 C C    . GLY A 1 33 ? 1.703   -6.623  -4.322  1.00 0.30 ? 33 GLY A C    1 
ATOM 471 O O    . GLY A 1 33 ? 1.547   -7.412  -5.232  1.00 0.39 ? 33 GLY A O    1 
ATOM 472 H H    . GLY A 1 33 ? 4.394   -6.528  -5.387  1.00 0.34 ? 33 GLY A H    1 
ATOM 473 H HA2  . GLY A 1 33 ? 2.732   -4.930  -3.494  1.00 0.24 ? 33 GLY A HA2  1 
ATOM 474 H HA3  . GLY A 1 33 ? 2.571   -4.898  -5.250  1.00 0.31 ? 33 GLY A HA3  1 
ATOM 475 N N    . HIS A 1 34 ? 0.967   -6.680  -3.245  1.00 0.30 ? 34 HIS A N    1 
ATOM 476 C CA   . HIS A 1 34 ? -0.086  -7.727  -3.115  1.00 0.38 ? 34 HIS A CA   1 
ATOM 477 C C    . HIS A 1 34 ? -1.169  -7.270  -2.134  1.00 0.38 ? 34 HIS A C    1 
ATOM 478 O O    . HIS A 1 34 ? -1.030  -6.265  -1.465  1.00 0.46 ? 34 HIS A O    1 
ATOM 479 C CB   . HIS A 1 34 ? 0.643   -8.958  -2.575  1.00 0.45 ? 34 HIS A CB   1 
ATOM 480 C CG   . HIS A 1 34 ? 1.165   -8.665  -1.195  1.00 0.46 ? 34 HIS A CG   1 
ATOM 481 N ND1  . HIS A 1 34 ? 2.501   -8.383  -0.954  1.00 0.94 ? 34 HIS A ND1  1 
ATOM 482 C CD2  . HIS A 1 34 ? 0.544   -8.606  0.028   1.00 0.95 ? 34 HIS A CD2  1 
ATOM 483 C CE1  . HIS A 1 34 ? 2.640   -8.170  0.366   1.00 0.90 ? 34 HIS A CE1  1 
ATOM 484 N NE2  . HIS A 1 34 ? 1.476   -8.294  1.013   1.00 0.87 ? 34 HIS A NE2  1 
ATOM 485 H H    . HIS A 1 34 ? 1.107   -6.033  -2.521  1.00 0.29 ? 34 HIS A H    1 
ATOM 486 H HA   . HIS A 1 34 ? -0.519  -7.949  -4.078  1.00 0.43 ? 34 HIS A HA   1 
ATOM 487 H HB2  . HIS A 1 34 ? -0.043  -9.792  -2.532  1.00 0.58 ? 34 HIS A HB2  1 
ATOM 488 H HB3  . HIS A 1 34 ? 1.468   -9.202  -3.226  1.00 0.51 ? 34 HIS A HB3  1 
ATOM 489 H HD1  . HIS A 1 34 ? 3.215   -8.347  -1.625  1.00 1.49 ? 34 HIS A HD1  1 
ATOM 490 H HD2  . HIS A 1 34 ? -0.508  -8.777  0.199   1.00 1.58 ? 34 HIS A HD2  1 
ATOM 491 H HE1  . HIS A 1 34 ? 3.576   -7.929  0.846   1.00 1.33 ? 34 HIS A HE1  1 
ATOM 492 N N    . CYS A 1 35 ? -2.247  -8.000  -2.042  1.00 0.35 ? 35 CYS A N    1 
ATOM 493 C CA   . CYS A 1 35 ? -3.337  -7.606  -1.105  1.00 0.35 ? 35 CYS A CA   1 
ATOM 494 C C    . CYS A 1 35 ? -3.204  -8.375  0.213   1.00 0.39 ? 35 CYS A C    1 
ATOM 495 O O    . CYS A 1 35 ? -3.104  -9.585  0.230   1.00 0.52 ? 35 CYS A O    1 
ATOM 496 C CB   . CYS A 1 35 ? -4.633  -7.988  -1.819  1.00 0.38 ? 35 CYS A CB   1 
ATOM 497 S SG   . CYS A 1 35 ? -6.045  -7.619  -0.749  1.00 0.53 ? 35 CYS A SG   1 
ATOM 498 H H    . CYS A 1 35 ? -2.340  -8.807  -2.591  1.00 0.38 ? 35 CYS A H    1 
ATOM 499 H HA   . CYS A 1 35 ? -3.315  -6.543  -0.925  1.00 0.34 ? 35 CYS A HA   1 
ATOM 500 H HB2  . CYS A 1 35 ? -4.718  -7.423  -2.736  1.00 0.37 ? 35 CYS A HB2  1 
ATOM 501 H HB3  . CYS A 1 35 ? -4.620  -9.044  -2.048  1.00 0.45 ? 35 CYS A HB3  1 
ATOM 502 N N    . TYR A 1 36 ? -3.200  -7.680  1.318   1.00 0.39 ? 36 TYR A N    1 
ATOM 503 C CA   . TYR A 1 36 ? -3.073  -8.372  2.634   1.00 0.46 ? 36 TYR A CA   1 
ATOM 504 C C    . TYR A 1 36 ? -3.873  -7.625  3.704   1.00 0.43 ? 36 TYR A C    1 
ATOM 505 O O    . TYR A 1 36 ? -3.909  -6.410  3.730   1.00 0.45 ? 36 TYR A O    1 
ATOM 506 C CB   . TYR A 1 36 ? -1.580  -8.337  2.957   1.00 0.55 ? 36 TYR A CB   1 
ATOM 507 C CG   . TYR A 1 36 ? -1.168  -9.648  3.582   1.00 0.79 ? 36 TYR A CG   1 
ATOM 508 C CD1  . TYR A 1 36 ? -1.536  -9.941  4.901   1.00 1.58 ? 36 TYR A CD1  1 
ATOM 509 C CD2  . TYR A 1 36 ? -0.420  -10.571 2.842   1.00 1.40 ? 36 TYR A CD2  1 
ATOM 510 C CE1  . TYR A 1 36 ? -1.154  -11.157 5.480   1.00 1.78 ? 36 TYR A CE1  1 
ATOM 511 C CE2  . TYR A 1 36 ? -0.039  -11.788 3.422   1.00 1.59 ? 36 TYR A CE2  1 
ATOM 512 C CZ   . TYR A 1 36 ? -0.405  -12.080 4.741   1.00 1.37 ? 36 TYR A CZ   1 
ATOM 513 O OH   . TYR A 1 36 ? -0.030  -13.279 5.313   1.00 1.67 ? 36 TYR A OH   1 
ATOM 514 H H    . TYR A 1 36 ? -3.282  -6.704  1.284   1.00 0.43 ? 36 TYR A H    1 
ATOM 515 H HA   . TYR A 1 36 ? -3.409  -9.394  2.556   1.00 0.51 ? 36 TYR A HA   1 
ATOM 516 H HB2  . TYR A 1 36 ? -1.018  -8.179  2.047   1.00 0.55 ? 36 TYR A HB2  1 
ATOM 517 H HB3  . TYR A 1 36 ? -1.380  -7.531  3.648   1.00 0.58 ? 36 TYR A HB3  1 
ATOM 518 H HD1  . TYR A 1 36 ? -2.113  -9.228  5.470   1.00 2.32 ? 36 TYR A HD1  1 
ATOM 519 H HD2  . TYR A 1 36 ? -0.137  -10.346 1.825   1.00 2.12 ? 36 TYR A HD2  1 
ATOM 520 H HE1  . TYR A 1 36 ? -1.438  -11.382 6.498   1.00 2.58 ? 36 TYR A HE1  1 
ATOM 521 H HE2  . TYR A 1 36 ? 0.539   -12.500 2.852   1.00 2.34 ? 36 TYR A HE2  1 
ATOM 522 H HH   . TYR A 1 36 ? 0.885   -13.200 5.593   1.00 1.95 ? 36 TYR A HH   1 
ATOM 523 N N    . ALA A 1 37 ? -4.513  -8.340  4.587   1.00 0.47 ? 37 ALA A N    1 
ATOM 524 C CA   . ALA A 1 37 ? -5.310  -7.669  5.654   1.00 0.50 ? 37 ALA A CA   1 
ATOM 525 C C    . ALA A 1 37 ? -6.309  -6.690  5.033   1.00 0.45 ? 37 ALA A C    1 
ATOM 526 O O    . ALA A 1 37 ? -6.545  -5.617  5.552   1.00 0.48 ? 37 ALA A O    1 
ATOM 527 C CB   . ALA A 1 37 ? -4.281  -6.921  6.504   1.00 0.54 ? 37 ALA A CB   1 
ATOM 528 H H    . ALA A 1 37 ? -4.471  -9.319  4.549   1.00 0.54 ? 37 ALA A H    1 
ATOM 529 H HA   . ALA A 1 37 ? -5.823  -8.400  6.258   1.00 0.58 ? 37 ALA A HA   1 
ATOM 530 H HB1  . ALA A 1 37 ? -4.721  -6.008  6.878   1.00 1.24 ? 37 ALA A HB1  1 
ATOM 531 H HB2  . ALA A 1 37 ? -3.419  -6.684  5.899   1.00 1.10 ? 37 ALA A HB2  1 
ATOM 532 H HB3  . ALA A 1 37 ? -3.980  -7.542  7.333   1.00 1.12 ? 37 ALA A HB3  1 
ATOM 533 N N    . MET A 1 38 ? -6.896  -7.050  3.925   1.00 0.42 ? 38 MET A N    1 
ATOM 534 C CA   . MET A 1 38 ? -7.879  -6.139  3.272   1.00 0.42 ? 38 MET A CA   1 
ATOM 535 C C    . MET A 1 38 ? -7.212  -4.805  2.922   1.00 0.37 ? 38 MET A C    1 
ATOM 536 O O    . MET A 1 38 ? -7.873  -3.829  2.626   1.00 0.41 ? 38 MET A O    1 
ATOM 537 C CB   . MET A 1 38 ? -8.980  -5.932  4.312   1.00 0.48 ? 38 MET A CB   1 
ATOM 538 C CG   . MET A 1 38 ? -10.130 -6.902  4.039   1.00 1.01 ? 38 MET A CG   1 
ATOM 539 S SD   . MET A 1 38 ? -11.709 -6.051  4.285   1.00 1.58 ? 38 MET A SD   1 
ATOM 540 C CE   . MET A 1 38 ? -12.778 -7.501  4.118   1.00 2.04 ? 38 MET A CE   1 
ATOM 541 H H    . MET A 1 38 ? -6.691  -7.919  3.522   1.00 0.45 ? 38 MET A H    1 
ATOM 542 H HA   . MET A 1 38 ? -8.290  -6.599  2.387   1.00 0.45 ? 38 MET A HA   1 
ATOM 543 H HB2  . MET A 1 38 ? -8.580  -6.115  5.300   1.00 0.79 ? 38 MET A HB2  1 
ATOM 544 H HB3  . MET A 1 38 ? -9.345  -4.917  4.253   1.00 0.71 ? 38 MET A HB3  1 
ATOM 545 H HG2  . MET A 1 38 ? -10.067 -7.257  3.021   1.00 1.72 ? 38 MET A HG2  1 
ATOM 546 H HG3  . MET A 1 38 ? -10.064 -7.739  4.718   1.00 1.67 ? 38 MET A HG3  1 
ATOM 547 H HE1  . MET A 1 38 ? -12.216 -8.391  4.367   1.00 2.47 ? 38 MET A HE1  1 
ATOM 548 H HE2  . MET A 1 38 ? -13.131 -7.574  3.102   1.00 2.37 ? 38 MET A HE2  1 
ATOM 549 H HE3  . MET A 1 38 ? -13.623 -7.404  4.785   1.00 2.49 ? 38 MET A HE3  1 
ATOM 550 N N    . SER A 1 39 ? -5.909  -4.757  2.955   1.00 0.36 ? 39 SER A N    1 
ATOM 551 C CA   . SER A 1 39 ? -5.202  -3.486  2.625   1.00 0.38 ? 39 SER A CA   1 
ATOM 552 C C    . SER A 1 39 ? -4.074  -3.754  1.623   1.00 0.34 ? 39 SER A C    1 
ATOM 553 O O    . SER A 1 39 ? -3.391  -4.755  1.696   1.00 0.37 ? 39 SER A O    1 
ATOM 554 C CB   . SER A 1 39 ? -4.632  -2.993  3.954   1.00 0.44 ? 39 SER A CB   1 
ATOM 555 O OG   . SER A 1 39 ? -5.661  -2.993  4.934   1.00 0.56 ? 39 SER A OG   1 
ATOM 556 H H    . SER A 1 39 ? -5.395  -5.555  3.196   1.00 0.38 ? 39 SER A H    1 
ATOM 557 H HA   . SER A 1 39 ? -5.894  -2.761  2.229   1.00 0.42 ? 39 SER A HA   1 
ATOM 558 H HB2  . SER A 1 39 ? -3.839  -3.649  4.273   1.00 0.51 ? 39 SER A HB2  1 
ATOM 559 H HB3  . SER A 1 39 ? -4.240  -1.992  3.828   1.00 0.57 ? 39 SER A HB3  1 
ATOM 560 H HG   . SER A 1 39 ? -6.346  -2.385  4.647   1.00 1.23 ? 39 SER A HG   1 
ATOM 561 N N    . CYS A 1 40 ? -3.875  -2.864  0.689   1.00 0.33 ? 40 CYS A N    1 
ATOM 562 C CA   . CYS A 1 40 ? -2.792  -3.069  -0.316  1.00 0.31 ? 40 CYS A CA   1 
ATOM 563 C C    . CYS A 1 40 ? -1.422  -2.862  0.335   1.00 0.30 ? 40 CYS A C    1 
ATOM 564 O O    . CYS A 1 40 ? -1.248  -2.010  1.183   1.00 0.37 ? 40 CYS A O    1 
ATOM 565 C CB   . CYS A 1 40 ? -3.042  -2.007  -1.388  1.00 0.35 ? 40 CYS A CB   1 
ATOM 566 S SG   . CYS A 1 40 ? -2.257  -2.518  -2.937  1.00 0.35 ? 40 CYS A SG   1 
ATOM 567 H H    . CYS A 1 40 ? -4.438  -2.063  0.648   1.00 0.37 ? 40 CYS A H    1 
ATOM 568 H HA   . CYS A 1 40 ? -2.861  -4.054  -0.749  1.00 0.31 ? 40 CYS A HA   1 
ATOM 569 H HB2  . CYS A 1 40 ? -4.105  -1.896  -1.544  1.00 0.41 ? 40 CYS A HB2  1 
ATOM 570 H HB3  . CYS A 1 40 ? -2.624  -1.066  -1.067  1.00 0.37 ? 40 CYS A HB3  1 
ATOM 571 N N    . TYR A 1 41 ? -0.447  -3.637  -0.056  1.00 0.30 ? 41 TYR A N    1 
ATOM 572 C CA   . TYR A 1 41 ? 0.911   -3.485  0.541   1.00 0.30 ? 41 TYR A CA   1 
ATOM 573 C C    . TYR A 1 41 ? 1.984   -3.655  -0.538  1.00 0.27 ? 41 TYR A C    1 
ATOM 574 O O    . TYR A 1 41 ? 2.018   -4.643  -1.244  1.00 0.39 ? 41 TYR A O    1 
ATOM 575 C CB   . TYR A 1 41 ? 1.014   -4.602  1.581   1.00 0.35 ? 41 TYR A CB   1 
ATOM 576 C CG   . TYR A 1 41 ? 2.332   -4.492  2.309   1.00 0.36 ? 41 TYR A CG   1 
ATOM 577 C CD1  . TYR A 1 41 ? 2.477   -3.577  3.360   1.00 0.39 ? 41 TYR A CD1  1 
ATOM 578 C CD2  . TYR A 1 41 ? 3.410   -5.302  1.934   1.00 0.55 ? 41 TYR A CD2  1 
ATOM 579 C CE1  . TYR A 1 41 ? 3.698   -3.475  4.036   1.00 0.46 ? 41 TYR A CE1  1 
ATOM 580 C CE2  . TYR A 1 41 ? 4.632   -5.199  2.610   1.00 0.64 ? 41 TYR A CE2  1 
ATOM 581 C CZ   . TYR A 1 41 ? 4.776   -4.286  3.660   1.00 0.55 ? 41 TYR A CZ   1 
ATOM 582 O OH   . TYR A 1 41 ? 5.981   -4.186  4.326   1.00 0.67 ? 41 TYR A OH   1 
ATOM 583 H H    . TYR A 1 41 ? -0.608  -4.319  -0.741  1.00 0.36 ? 41 TYR A H    1 
ATOM 584 H HA   . TYR A 1 41 ? 1.006   -2.524  1.021   1.00 0.32 ? 41 TYR A HA   1 
ATOM 585 H HB2  . TYR A 1 41 ? 0.203   -4.511  2.288   1.00 0.41 ? 41 TYR A HB2  1 
ATOM 586 H HB3  . TYR A 1 41 ? 0.956   -5.560  1.087   1.00 0.39 ? 41 TYR A HB3  1 
ATOM 587 H HD1  . TYR A 1 41 ? 1.645   -2.951  3.649   1.00 0.49 ? 41 TYR A HD1  1 
ATOM 588 H HD2  . TYR A 1 41 ? 3.298   -6.008  1.124   1.00 0.68 ? 41 TYR A HD2  1 
ATOM 589 H HE1  . TYR A 1 41 ? 3.810   -2.770  4.846   1.00 0.56 ? 41 TYR A HE1  1 
ATOM 590 H HE2  . TYR A 1 41 ? 5.463   -5.826  2.321   1.00 0.83 ? 41 TYR A HE2  1 
ATOM 591 H HH   . TYR A 1 41 ? 5.794   -4.109  5.265   1.00 0.99 ? 41 TYR A HH   1 
ATOM 592 N N    . CYS A 1 42 ? 2.862   -2.698  -0.671  1.00 0.19 ? 42 CYS A N    1 
ATOM 593 C CA   . CYS A 1 42 ? 3.932   -2.805  -1.703  1.00 0.19 ? 42 CYS A CA   1 
ATOM 594 C C    . CYS A 1 42 ? 5.296   -2.990  -1.035  1.00 0.22 ? 42 CYS A C    1 
ATOM 595 O O    . CYS A 1 42 ? 5.565   -2.436  0.012   1.00 0.27 ? 42 CYS A O    1 
ATOM 596 C CB   . CYS A 1 42 ? 3.882   -1.481  -2.465  1.00 0.20 ? 42 CYS A CB   1 
ATOM 597 S SG   . CYS A 1 42 ? 2.172   -1.121  -2.940  1.00 0.24 ? 42 CYS A SG   1 
ATOM 598 H H    . CYS A 1 42 ? 2.818   -1.909  -0.091  1.00 0.26 ? 42 CYS A H    1 
ATOM 599 H HA   . CYS A 1 42 ? 3.726   -3.624  -2.375  1.00 0.19 ? 42 CYS A HA   1 
ATOM 600 H HB2  . CYS A 1 42 ? 4.254   -0.688  -1.832  1.00 0.23 ? 42 CYS A HB2  1 
ATOM 601 H HB3  . CYS A 1 42 ? 4.494   -1.551  -3.351  1.00 0.23 ? 42 CYS A HB3  1 
ATOM 602 N N    . GLU A 1 43 ? 6.160   -3.764  -1.633  1.00 0.25 ? 43 GLU A N    1 
ATOM 603 C CA   . GLU A 1 43 ? 7.507   -3.982  -1.030  1.00 0.31 ? 43 GLU A CA   1 
ATOM 604 C C    . GLU A 1 43 ? 8.589   -3.354  -1.913  1.00 0.33 ? 43 GLU A C    1 
ATOM 605 O O    . GLU A 1 43 ? 8.882   -3.835  -2.990  1.00 0.40 ? 43 GLU A O    1 
ATOM 606 C CB   . GLU A 1 43 ? 7.675   -5.501  -0.976  1.00 0.38 ? 43 GLU A CB   1 
ATOM 607 C CG   . GLU A 1 43 ? 8.885   -5.850  -0.108  1.00 0.60 ? 43 GLU A CG   1 
ATOM 608 C CD   . GLU A 1 43 ? 9.010   -7.371  0.006   1.00 1.10 ? 43 GLU A CD   1 
ATOM 609 O OE1  . GLU A 1 43 ? 9.245   -8.003  -1.010  1.00 1.73 ? 43 GLU A OE1  1 
ATOM 610 O OE2  . GLU A 1 43 ? 8.867   -7.877  1.107   1.00 1.76 ? 43 GLU A OE2  1 
ATOM 611 H H    . GLU A 1 43 ? 5.925   -4.201  -2.477  1.00 0.28 ? 43 GLU A H    1 
ATOM 612 H HA   . GLU A 1 43 ? 7.546   -3.571  -0.034  1.00 0.32 ? 43 GLU A HA   1 
ATOM 613 H HB2  . GLU A 1 43 ? 6.785   -5.945  -0.552  1.00 0.47 ? 43 GLU A HB2  1 
ATOM 614 H HB3  . GLU A 1 43 ? 7.828   -5.882  -1.973  1.00 0.47 ? 43 GLU A HB3  1 
ATOM 615 H HG2  . GLU A 1 43 ? 9.779   -5.447  -0.558  1.00 1.00 ? 43 GLU A HG2  1 
ATOM 616 H HG3  . GLU A 1 43 ? 8.756   -5.428  0.878   1.00 0.99 ? 43 GLU A HG3  1 
ATOM 617 N N    . GLY A 1 44 ? 9.184   -2.282  -1.466  1.00 0.33 ? 44 GLY A N    1 
ATOM 618 C CA   . GLY A 1 44 ? 10.246  -1.625  -2.280  1.00 0.38 ? 44 GLY A CA   1 
ATOM 619 C C    . GLY A 1 44 ? 9.844   -0.177  -2.571  1.00 0.37 ? 44 GLY A C    1 
ATOM 620 O O    . GLY A 1 44 ? 10.446  0.493   -3.385  1.00 0.49 ? 44 GLY A O    1 
ATOM 621 H H    . GLY A 1 44 ? 8.932   -1.909  -0.595  1.00 0.34 ? 44 GLY A H    1 
ATOM 622 H HA2  . GLY A 1 44 ? 11.178  -1.638  -1.733  1.00 0.45 ? 44 GLY A HA2  1 
ATOM 623 H HA3  . GLY A 1 44 ? 10.365  -2.155  -3.212  1.00 0.42 ? 44 GLY A HA3  1 
ATOM 624 N N    . LEU A 1 45 ? 8.828   0.310   -1.910  1.00 0.31 ? 45 LEU A N    1 
ATOM 625 C CA   . LEU A 1 45 ? 8.388   1.714   -2.149  1.00 0.35 ? 45 LEU A CA   1 
ATOM 626 C C    . LEU A 1 45 ? 9.541   2.684   -1.875  1.00 0.42 ? 45 LEU A C    1 
ATOM 627 O O    . LEU A 1 45 ? 10.532  2.317   -1.275  1.00 0.45 ? 45 LEU A O    1 
ATOM 628 C CB   . LEU A 1 45 ? 7.246   1.945   -1.160  1.00 0.31 ? 45 LEU A CB   1 
ATOM 629 C CG   . LEU A 1 45 ? 5.990   1.225   -1.653  1.00 0.37 ? 45 LEU A CG   1 
ATOM 630 C CD1  . LEU A 1 45 ? 4.957   1.167   -0.526  1.00 0.45 ? 45 LEU A CD1  1 
ATOM 631 C CD2  . LEU A 1 45 ? 5.402   1.985   -2.844  1.00 0.59 ? 45 LEU A CD2  1 
ATOM 632 H H    . LEU A 1 45 ? 8.356   -0.248  -1.258  1.00 0.33 ? 45 LEU A H    1 
ATOM 633 H HA   . LEU A 1 45 ? 8.030   1.831   -3.160  1.00 0.41 ? 45 LEU A HA   1 
ATOM 634 H HB2  . LEU A 1 45 ? 7.527   1.559   -0.191  1.00 0.31 ? 45 LEU A HB2  1 
ATOM 635 H HB3  . LEU A 1 45 ? 7.045   3.003   -1.082  1.00 0.36 ? 45 LEU A HB3  1 
ATOM 636 H HG   . LEU A 1 45 ? 6.247   0.220   -1.956  1.00 0.42 ? 45 LEU A HG   1 
ATOM 637 H HD11 . LEU A 1 45 ? 4.850   0.147   -0.188  1.00 1.01 ? 45 LEU A HD11 1 
ATOM 638 H HD12 . LEU A 1 45 ? 4.007   1.529   -0.891  1.00 0.99 ? 45 LEU A HD12 1 
ATOM 639 H HD13 . LEU A 1 45 ? 5.287   1.786   0.295   1.00 1.21 ? 45 LEU A HD13 1 
ATOM 640 H HD21 . LEU A 1 45 ? 5.513   1.393   -3.740  1.00 1.17 ? 45 LEU A HD21 1 
ATOM 641 H HD22 . LEU A 1 45 ? 5.925   2.923   -2.966  1.00 1.26 ? 45 LEU A HD22 1 
ATOM 642 H HD23 . LEU A 1 45 ? 4.354   2.177   -2.667  1.00 1.15 ? 45 LEU A HD23 1 
ATOM 643 N N    . PRO A 1 46 ? 9.368   3.896   -2.327  1.00 0.51 ? 46 PRO A N    1 
ATOM 644 C CA   . PRO A 1 46 ? 10.404  4.939   -2.131  1.00 0.62 ? 46 PRO A CA   1 
ATOM 645 C C    . PRO A 1 46 ? 10.432  5.398   -0.669  1.00 0.62 ? 46 PRO A C    1 
ATOM 646 O O    . PRO A 1 46 ? 9.426   5.391   0.012   1.00 0.64 ? 46 PRO A O    1 
ATOM 647 C CB   . PRO A 1 46 ? 9.951   6.071   -3.049  1.00 0.72 ? 46 PRO A CB   1 
ATOM 648 C CG   . PRO A 1 46 ? 8.475   5.879   -3.199  1.00 0.68 ? 46 PRO A CG   1 
ATOM 649 C CD   . PRO A 1 46 ? 8.201   4.404   -3.056  1.00 0.56 ? 46 PRO A CD   1 
ATOM 650 H HA   . PRO A 1 46 ? 11.372  4.578   -2.437  1.00 0.66 ? 46 PRO A HA   1 
ATOM 651 H HB2  . PRO A 1 46 ? 10.164  7.029   -2.595  1.00 0.79 ? 46 PRO A HB2  1 
ATOM 652 H HB3  . PRO A 1 46 ? 10.433  5.991   -4.010  1.00 0.79 ? 46 PRO A HB3  1 
ATOM 653 H HG2  . PRO A 1 46 ? 7.952   6.431   -2.429  1.00 0.68 ? 46 PRO A HG2  1 
ATOM 654 H HG3  . PRO A 1 46 ? 8.156   6.215   -4.174  1.00 0.77 ? 46 PRO A HG3  1 
ATOM 655 H HD2  . PRO A 1 46 ? 7.295   4.241   -2.489  1.00 0.51 ? 46 PRO A HD2  1 
ATOM 656 H HD3  . PRO A 1 46 ? 8.135   3.934   -4.025  1.00 0.60 ? 46 PRO A HD3  1 
ATOM 657 N N    . GLU A 1 47 ? 11.576  5.797   -0.185  1.00 0.69 ? 47 GLU A N    1 
ATOM 658 C CA   . GLU A 1 47 ? 11.666  6.255   1.231   1.00 0.75 ? 47 GLU A CA   1 
ATOM 659 C C    . GLU A 1 47 ? 10.741  7.454   1.459   1.00 0.78 ? 47 GLU A C    1 
ATOM 660 O O    . GLU A 1 47 ? 10.456  7.826   2.580   1.00 0.87 ? 47 GLU A O    1 
ATOM 661 C CB   . GLU A 1 47 ? 13.127  6.660   1.424   1.00 0.82 ? 47 GLU A CB   1 
ATOM 662 C CG   . GLU A 1 47 ? 13.351  7.095   2.873   1.00 0.92 ? 47 GLU A CG   1 
ATOM 663 C CD   . GLU A 1 47 ? 14.679  7.848   2.983   1.00 1.58 ? 47 GLU A CD   1 
ATOM 664 O OE1  . GLU A 1 47 ? 15.617  7.452   2.312   1.00 2.15 ? 47 GLU A OE1  1 
ATOM 665 O OE2  . GLU A 1 47 ? 14.734  8.806   3.735   1.00 2.30 ? 47 GLU A OE2  1 
ATOM 666 H H    . GLU A 1 47 ? 12.375  5.794   -0.751  1.00 0.74 ? 47 GLU A H    1 
ATOM 667 H HA   . GLU A 1 47 ? 11.415  5.451   1.905   1.00 0.76 ? 47 GLU A HA   1 
ATOM 668 H HB2  . GLU A 1 47 ? 13.767  5.819   1.197   1.00 0.86 ? 47 GLU A HB2  1 
ATOM 669 H HB3  . GLU A 1 47 ? 13.364  7.481   0.764   1.00 0.88 ? 47 GLU A HB3  1 
ATOM 670 H HG2  . GLU A 1 47 ? 12.542  7.742   3.184   1.00 1.31 ? 47 GLU A HG2  1 
ATOM 671 H HG3  . GLU A 1 47 ? 13.380  6.224   3.510   1.00 1.31 ? 47 GLU A HG3  1 
ATOM 672 N N    . ASN A 1 48 ? 10.272  8.062   0.405   1.00 0.77 ? 48 ASN A N    1 
ATOM 673 C CA   . ASN A 1 48 ? 9.366   9.237   0.563   1.00 0.85 ? 48 ASN A CA   1 
ATOM 674 C C    . ASN A 1 48 ? 7.955   8.886   0.083   1.00 0.72 ? 48 ASN A C    1 
ATOM 675 O O    . ASN A 1 48 ? 7.177   9.749   -0.269  1.00 0.74 ? 48 ASN A O    1 
ATOM 676 C CB   . ASN A 1 48 ? 9.976   10.328  -0.318  1.00 1.02 ? 48 ASN A CB   1 
ATOM 677 C CG   . ASN A 1 48 ? 9.878   9.915   -1.787  1.00 1.05 ? 48 ASN A CG   1 
ATOM 678 O OD1  . ASN A 1 48 ? 9.310   8.889   -2.105  1.00 1.42 ? 48 ASN A OD1  1 
ATOM 679 N ND2  . ASN A 1 48 ? 10.412  10.676  -2.703  1.00 1.63 ? 48 ASN A ND2  1 
ATOM 680 H H    . ASN A 1 48 ? 10.514  7.747   -0.491  1.00 0.76 ? 48 ASN A H    1 
ATOM 681 H HA   . ASN A 1 48 ? 9.346   9.562   1.590   1.00 0.94 ? 48 ASN A HA   1 
ATOM 682 H HB2  . ASN A 1 48 ? 9.440   11.254  -0.166  1.00 1.18 ? 48 ASN A HB2  1 
ATOM 683 H HB3  . ASN A 1 48 ? 11.014  10.466  -0.053  1.00 1.12 ? 48 ASN A HB3  1 
ATOM 684 H HD21 . ASN A 1 48 ? 10.870  11.504  -2.447  1.00 2.29 ? 48 ASN A HD21 1 
ATOM 685 H HD22 . ASN A 1 48 ? 10.354  10.419  -3.648  1.00 1.70 ? 48 ASN A HD22 1 
ATOM 686 N N    . ALA A 1 49 ? 7.621   7.624   0.067   1.00 0.61 ? 49 ALA A N    1 
ATOM 687 C CA   . ALA A 1 49 ? 6.260   7.219   -0.390  1.00 0.56 ? 49 ALA A CA   1 
ATOM 688 C C    . ALA A 1 49 ? 5.219   7.569   0.677   1.00 0.44 ? 49 ALA A C    1 
ATOM 689 O O    . ALA A 1 49 ? 5.537   7.735   1.837   1.00 0.41 ? 49 ALA A O    1 
ATOM 690 C CB   . ALA A 1 49 ? 6.342   5.705   -0.584  1.00 0.57 ? 49 ALA A CB   1 
ATOM 691 H H    . ALA A 1 49 ? 8.264   6.943   0.355   1.00 0.62 ? 49 ALA A H    1 
ATOM 692 H HA   . ALA A 1 49 ? 6.019   7.698   -1.325  1.00 0.69 ? 49 ALA A HA   1 
ATOM 693 H HB1  . ALA A 1 49 ? 5.994   5.208   0.310   1.00 1.14 ? 49 ALA A HB1  1 
ATOM 694 H HB2  . ALA A 1 49 ? 7.366   5.421   -0.777  1.00 1.15 ? 49 ALA A HB2  1 
ATOM 695 H HB3  . ALA A 1 49 ? 5.724   5.415   -1.420  1.00 1.13 ? 49 ALA A HB3  1 
ATOM 696 N N    . LYS A 1 50 ? 3.977   7.681   0.292   1.00 0.54 ? 50 LYS A N    1 
ATOM 697 C CA   . LYS A 1 50 ? 2.917   8.021   1.284   1.00 0.60 ? 50 LYS A CA   1 
ATOM 698 C C    . LYS A 1 50 ? 2.220   6.746   1.769   1.00 0.53 ? 50 LYS A C    1 
ATOM 699 O O    . LYS A 1 50 ? 1.289   6.264   1.155   1.00 0.55 ? 50 LYS A O    1 
ATOM 700 C CB   . LYS A 1 50 ? 1.935   8.913   0.525   1.00 0.84 ? 50 LYS A CB   1 
ATOM 701 C CG   . LYS A 1 50 ? 0.940   9.531   1.510   1.00 1.05 ? 50 LYS A CG   1 
ATOM 702 C CD   . LYS A 1 50 ? 1.161   11.044  1.577   1.00 1.53 ? 50 LYS A CD   1 
ATOM 703 C CE   . LYS A 1 50 ? -0.029  11.704  2.277   1.00 2.10 ? 50 LYS A CE   1 
ATOM 704 N NZ   . LYS A 1 50 ? -0.152  13.045  1.642   1.00 2.59 ? 50 LYS A NZ   1 
ATOM 705 H H    . LYS A 1 50 ? 3.742   7.543   -0.649  1.00 0.64 ? 50 LYS A H    1 
ATOM 706 H HA   . LYS A 1 50 ? 3.339   8.561   2.117   1.00 0.62 ? 50 LYS A HA   1 
ATOM 707 H HB2  . LYS A 1 50 ? 2.480   9.699   0.020   1.00 0.87 ? 50 LYS A HB2  1 
ATOM 708 H HB3  . LYS A 1 50 ? 1.398   8.322   -0.202  1.00 0.94 ? 50 LYS A HB3  1 
ATOM 709 H HG2  . LYS A 1 50 ? -0.067  9.328   1.178   1.00 1.43 ? 50 LYS A HG2  1 
ATOM 710 H HG3  . LYS A 1 50 ? 1.091   9.104   2.490   1.00 1.32 ? 50 LYS A HG3  1 
ATOM 711 H HD2  . LYS A 1 50 ? 2.066   11.251  2.131   1.00 2.06 ? 50 LYS A HD2  1 
ATOM 712 H HD3  . LYS A 1 50 ? 1.253   11.439  0.577   1.00 1.88 ? 50 LYS A HD3  1 
ATOM 713 H HE2  . LYS A 1 50 ? -0.927  11.124  2.115   1.00 2.51 ? 50 LYS A HE2  1 
ATOM 714 H HE3  . LYS A 1 50 ? 0.167   11.811  3.333   1.00 2.59 ? 50 LYS A HE3  1 
ATOM 715 H HZ1  . LYS A 1 50 ? -1.138  13.369  1.703   1.00 2.97 ? 50 LYS A HZ1  1 
ATOM 716 H HZ2  . LYS A 1 50 ? 0.132   12.983  0.643   1.00 3.07 ? 50 LYS A HZ2  1 
ATOM 717 H HZ3  . LYS A 1 50 ? 0.464   13.721  2.137   1.00 2.82 ? 50 LYS A HZ3  1 
ATOM 718 N N    . VAL A 1 51 ? 2.664   6.198   2.867   1.00 0.51 ? 51 VAL A N    1 
ATOM 719 C CA   . VAL A 1 51 ? 2.025   4.955   3.390   1.00 0.45 ? 51 VAL A CA   1 
ATOM 720 C C    . VAL A 1 51 ? 1.840   5.054   4.907   1.00 0.49 ? 51 VAL A C    1 
ATOM 721 O O    . VAL A 1 51 ? 2.346   5.956   5.546   1.00 0.56 ? 51 VAL A O    1 
ATOM 722 C CB   . VAL A 1 51 ? 3.002   3.832   3.042   1.00 0.42 ? 51 VAL A CB   1 
ATOM 723 C CG1  . VAL A 1 51 ? 3.125   3.714   1.521   1.00 0.42 ? 51 VAL A CG1  1 
ATOM 724 C CG2  . VAL A 1 51 ? 4.375   4.148   3.640   1.00 0.47 ? 51 VAL A CG2  1 
ATOM 725 H H    . VAL A 1 51 ? 3.416   6.602   3.348   1.00 0.57 ? 51 VAL A H    1 
ATOM 726 H HA   . VAL A 1 51 ? 1.079   4.784   2.904   1.00 0.45 ? 51 VAL A HA   1 
ATOM 727 H HB   . VAL A 1 51 ? 2.637   2.899   3.448   1.00 0.41 ? 51 VAL A HB   1 
ATOM 728 H HG11 . VAL A 1 51 ? 3.134   4.701   1.084   1.00 1.01 ? 51 VAL A HG11 1 
ATOM 729 H HG12 . VAL A 1 51 ? 2.285   3.156   1.136   1.00 1.06 ? 51 VAL A HG12 1 
ATOM 730 H HG13 . VAL A 1 51 ? 4.042   3.201   1.273   1.00 1.01 ? 51 VAL A HG13 1 
ATOM 731 H HG21 . VAL A 1 51 ? 5.126   4.093   2.866   1.00 1.15 ? 51 VAL A HG21 1 
ATOM 732 H HG22 . VAL A 1 51 ? 4.604   3.433   4.416   1.00 1.17 ? 51 VAL A HG22 1 
ATOM 733 H HG23 . VAL A 1 51 ? 4.365   5.144   4.059   1.00 0.98 ? 51 VAL A HG23 1 
ATOM 734 N N    . SER A 1 52 ? 1.117   4.136   5.487   1.00 0.47 ? 52 SER A N    1 
ATOM 735 C CA   . SER A 1 52 ? 0.901   4.179   6.962   1.00 0.54 ? 52 SER A CA   1 
ATOM 736 C C    . SER A 1 52 ? 1.983   3.368   7.680   1.00 0.55 ? 52 SER A C    1 
ATOM 737 O O    . SER A 1 52 ? 2.307   2.264   7.289   1.00 0.62 ? 52 SER A O    1 
ATOM 738 C CB   . SER A 1 52 ? -0.475  3.548   7.178   1.00 0.54 ? 52 SER A CB   1 
ATOM 739 O OG   . SER A 1 52 ? -0.691  3.361   8.571   1.00 0.79 ? 52 SER A OG   1 
ATOM 740 H H    . SER A 1 52 ? 0.718   3.417   4.953   1.00 0.44 ? 52 SER A H    1 
ATOM 741 H HA   . SER A 1 52 ? 0.897   5.199   7.313   1.00 0.63 ? 52 SER A HA   1 
ATOM 742 H HB2  . SER A 1 52 ? -1.238  4.200   6.786   1.00 0.64 ? 52 SER A HB2  1 
ATOM 743 H HB3  . SER A 1 52 ? -0.518  2.597   6.665   1.00 0.50 ? 52 SER A HB3  1 
ATOM 744 H HG   . SER A 1 52 ? -1.530  3.769   8.798   1.00 1.19 ? 52 SER A HG   1 
ATOM 745 N N    . ASP A 1 53 ? 2.543   3.906   8.727   1.00 0.67 ? 53 ASP A N    1 
ATOM 746 C CA   . ASP A 1 53 ? 3.603   3.166   9.469   1.00 0.72 ? 53 ASP A CA   1 
ATOM 747 C C    . ASP A 1 53 ? 2.982   2.349   10.605  1.00 0.76 ? 53 ASP A C    1 
ATOM 748 O O    . ASP A 1 53 ? 3.597   2.124   11.629  1.00 0.83 ? 53 ASP A O    1 
ATOM 749 C CB   . ASP A 1 53 ? 4.526   4.249   10.029  1.00 0.91 ? 53 ASP A CB   1 
ATOM 750 C CG   . ASP A 1 53 ? 3.736   5.151   10.979  1.00 1.04 ? 53 ASP A CG   1 
ATOM 751 O OD1  . ASP A 1 53 ? 2.607   5.478   10.652  1.00 1.61 ? 53 ASP A OD1  1 
ATOM 752 O OD2  . ASP A 1 53 ? 4.274   5.501   12.017  1.00 1.46 ? 53 ASP A OD2  1 
ATOM 753 H H    . ASP A 1 53 ? 2.268   4.798   9.026   1.00 0.83 ? 53 ASP A H    1 
ATOM 754 H HA   . ASP A 1 53 ? 4.154   2.524   8.799   1.00 0.68 ? 53 ASP A HA   1 
ATOM 755 H HB2  . ASP A 1 53 ? 5.341   3.785   10.566  1.00 0.96 ? 53 ASP A HB2  1 
ATOM 756 H HB3  . ASP A 1 53 ? 4.920   4.842   9.217   1.00 1.00 ? 53 ASP A HB3  1 
ATOM 757 N N    . SER A 1 54 ? 1.768   1.903   10.432  1.00 0.78 ? 54 SER A N    1 
ATOM 758 C CA   . SER A 1 54 ? 1.108   1.102   11.502  1.00 0.89 ? 54 SER A CA   1 
ATOM 759 C C    . SER A 1 54 ? 0.100   0.128   10.889  1.00 0.81 ? 54 SER A C    1 
ATOM 760 O O    . SER A 1 54 ? -0.718  0.500   10.070  1.00 0.78 ? 54 SER A O    1 
ATOM 761 C CB   . SER A 1 54 ? 0.396   2.127   12.382  1.00 1.01 ? 54 SER A CB   1 
ATOM 762 O OG   . SER A 1 54 ? -0.874  2.427   11.819  1.00 1.02 ? 54 SER A OG   1 
ATOM 763 H H    . SER A 1 54 ? 1.290   2.096   9.599   1.00 0.78 ? 54 SER A H    1 
ATOM 764 H HA   . SER A 1 54 ? 1.845   0.567   12.082  1.00 1.04 ? 54 SER A HA   1 
ATOM 765 H HB2  . SER A 1 54 ? 0.258   1.723   13.371  1.00 1.19 ? 54 SER A HB2  1 
ATOM 766 H HB3  . SER A 1 54 ? 0.996   3.026   12.444  1.00 1.07 ? 54 SER A HB3  1 
ATOM 767 H HG   . SER A 1 54 ? -1.168  3.268   12.180  1.00 1.55 ? 54 SER A HG   1 
ATOM 768 N N    . ALA A 1 55 ? 0.151   -1.117  11.275  1.00 0.96 ? 55 ALA A N    1 
ATOM 769 C CA   . ALA A 1 55 ? -0.804  -2.114  10.713  1.00 1.02 ? 55 ALA A CA   1 
ATOM 770 C C    . ALA A 1 55 ? -2.166  -1.988  11.402  1.00 1.16 ? 55 ALA A C    1 
ATOM 771 O O    . ALA A 1 55 ? -3.070  -2.762  11.155  1.00 1.43 ? 55 ALA A O    1 
ATOM 772 C CB   . ALA A 1 55 ? -0.177  -3.476  11.009  1.00 1.28 ? 55 ALA A CB   1 
ATOM 773 H H    . ALA A 1 55 ? 0.819   -1.398  11.936  1.00 1.13 ? 55 ALA A H    1 
ATOM 774 H HA   . ALA A 1 55 ? -0.906  -1.979  9.648   1.00 0.96 ? 55 ALA A HA   1 
ATOM 775 H HB1  . ALA A 1 55 ? -0.375  -3.748  12.035  1.00 1.69 ? 55 ALA A HB1  1 
ATOM 776 H HB2  . ALA A 1 55 ? 0.890   -3.423  10.851  1.00 1.45 ? 55 ALA A HB2  1 
ATOM 777 H HB3  . ALA A 1 55 ? -0.602  -4.219  10.352  1.00 1.88 ? 55 ALA A HB3  1 
ATOM 778 N N    . THR A 1 56 ? -2.319  -1.020  12.263  1.00 1.13 ? 56 THR A N    1 
ATOM 779 C CA   . THR A 1 56 ? -3.622  -0.847  12.966  1.00 1.42 ? 56 THR A CA   1 
ATOM 780 C C    . THR A 1 56 ? -4.037  0.628   12.955  1.00 1.49 ? 56 THR A C    1 
ATOM 781 O O    . THR A 1 56 ? -4.085  1.276   13.982  1.00 1.95 ? 56 THR A O    1 
ATOM 782 C CB   . THR A 1 56 ? -3.367  -1.322  14.397  1.00 1.79 ? 56 THR A CB   1 
ATOM 783 O OG1  . THR A 1 56 ? -2.211  -2.149  14.421  1.00 2.12 ? 56 THR A OG1  1 
ATOM 784 C CG2  . THR A 1 56 ? -4.575  -2.114  14.898  1.00 2.26 ? 56 THR A CG2  1 
ATOM 785 H H    . THR A 1 56 ? -1.577  -0.408  12.448  1.00 1.03 ? 56 THR A H    1 
ATOM 786 H HA   . THR A 1 56 ? -4.383  -1.457  12.506  1.00 1.52 ? 56 THR A HA   1 
ATOM 787 H HB   . THR A 1 56 ? -3.210  -0.468  15.038  1.00 2.38 ? 56 THR A HB   1 
ATOM 788 H HG1  . THR A 1 56 ? -1.609  -1.800  15.081  1.00 2.36 ? 56 THR A HG1  1 
ATOM 789 H HG21 . THR A 1 56 ? -4.923  -2.772  14.116  1.00 2.61 ? 56 THR A HG21 1 
ATOM 790 H HG22 . THR A 1 56 ? -5.365  -1.430  15.171  1.00 2.84 ? 56 THR A HG22 1 
ATOM 791 H HG23 . THR A 1 56 ? -4.290  -2.698  15.760  1.00 2.50 ? 56 THR A HG23 1 
ATOM 792 N N    . ASN A 1 57 ? -4.337  1.161   11.803  1.00 1.38 ? 57 ASN A N    1 
ATOM 793 C CA   . ASN A 1 57 ? -4.748  2.592   11.728  1.00 1.56 ? 57 ASN A CA   1 
ATOM 794 C C    . ASN A 1 57 ? -6.258  2.697   11.494  1.00 1.01 ? 57 ASN A C    1 
ATOM 795 O O    . ASN A 1 57 ? -6.909  1.735   11.139  1.00 1.28 ? 57 ASN A O    1 
ATOM 796 C CB   . ASN A 1 57 ? -3.980  3.163   10.536  1.00 2.31 ? 57 ASN A CB   1 
ATOM 797 C CG   . ASN A 1 57 ? -4.576  2.621   9.237   1.00 2.44 ? 57 ASN A CG   1 
ATOM 798 O OD1  . ASN A 1 57 ? -4.317  1.495   8.858   1.00 2.75 ? 57 ASN A OD1  1 
ATOM 799 N ND2  . ASN A 1 57 ? -5.371  3.379   8.532   1.00 2.89 ? 57 ASN A ND2  1 
ATOM 800 H H    . ASN A 1 57 ? -4.292  0.620   10.987  1.00 1.46 ? 57 ASN A H    1 
ATOM 801 H HA   . ASN A 1 57 ? -4.469  3.113   12.631  1.00 2.12 ? 57 ASN A HA   1 
ATOM 802 H HB2  . ASN A 1 57 ? -4.052  4.241   10.545  1.00 2.56 ? 57 ASN A HB2  1 
ATOM 803 H HB3  . ASN A 1 57 ? -2.942  2.871   10.603  1.00 2.92 ? 57 ASN A HB3  1 
ATOM 804 H HD21 . ASN A 1 57 ? -5.581  4.286   8.836   1.00 3.08 ? 57 ASN A HD21 1 
ATOM 805 H HD22 . ASN A 1 57 ? -5.759  3.041   7.697   1.00 3.35 ? 57 ASN A HD22 1 
ATOM 806 N N    . ILE A 1 58 ? -6.818  3.859   11.690  1.00 1.34 ? 58 ILE A N    1 
ATOM 807 C CA   . ILE A 1 58 ? -8.286  4.024   11.478  1.00 1.65 ? 58 ILE A CA   1 
ATOM 808 C C    . ILE A 1 58 ? -8.567  5.312   10.699  1.00 1.49 ? 58 ILE A C    1 
ATOM 809 O O    . ILE A 1 58 ? -8.416  6.404   11.211  1.00 2.01 ? 58 ILE A O    1 
ATOM 810 C CB   . ILE A 1 58 ? -8.881  4.107   12.883  1.00 2.76 ? 58 ILE A CB   1 
ATOM 811 C CG1  . ILE A 1 58 ? -8.869  2.717   13.524  1.00 3.48 ? 58 ILE A CG1  1 
ATOM 812 C CG2  . ILE A 1 58 ? -10.321 4.615   12.799  1.00 3.41 ? 58 ILE A CG2  1 
ATOM 813 C CD1  . ILE A 1 58 ? -7.950  2.727   14.747  1.00 4.22 ? 58 ILE A CD1  1 
ATOM 814 H H    . ILE A 1 58 ? -6.276  4.623   11.975  1.00 1.88 ? 58 ILE A H    1 
ATOM 815 H HA   . ILE A 1 58 ? -8.690  3.171   10.956  1.00 1.80 ? 58 ILE A HA   1 
ATOM 816 H HB   . ILE A 1 58 ? -8.294  4.788   13.483  1.00 3.14 ? 58 ILE A HB   1 
ATOM 817 H HG12 . ILE A 1 58 ? -9.871  2.453   13.828  1.00 3.90 ? 58 ILE A HG12 1 
ATOM 818 H HG13 . ILE A 1 58 ? -8.506  1.994   12.809  1.00 3.58 ? 58 ILE A HG13 1 
ATOM 819 H HG21 . ILE A 1 58 ? -10.352 5.658   13.078  1.00 3.63 ? 58 ILE A HG21 1 
ATOM 820 H HG22 . ILE A 1 58 ? -10.945 4.044   13.471  1.00 3.77 ? 58 ILE A HG22 1 
ATOM 821 H HG23 . ILE A 1 58 ? -10.684 4.503   11.788  1.00 3.86 ? 58 ILE A HG23 1 
ATOM 822 H HD11 . ILE A 1 58 ? -8.280  3.486   15.439  1.00 4.44 ? 58 ILE A HD11 1 
ATOM 823 H HD12 . ILE A 1 58 ? -6.937  2.939   14.435  1.00 4.49 ? 58 ILE A HD12 1 
ATOM 824 H HD13 . ILE A 1 58 ? -7.982  1.761   15.229  1.00 4.69 ? 58 ILE A HD13 1 
ATOM 825 N N    . CYS A 1 59 ? -8.972  5.193   9.464   1.00 1.09 ? 59 CYS A N    1 
ATOM 826 C CA   . CYS A 1 59 ? -9.262  6.411   8.654   1.00 1.20 ? 59 CYS A CA   1 
ATOM 827 C C    . CYS A 1 59 ? -10.658 6.947   8.986   1.00 1.56 ? 59 CYS A C    1 
ATOM 828 O O    . CYS A 1 59 ? -11.628 6.216   8.995   1.00 2.00 ? 59 CYS A O    1 
ATOM 829 C CB   . CYS A 1 59 ? -9.197  5.944   7.200   1.00 1.31 ? 59 CYS A CB   1 
ATOM 830 S SG   . CYS A 1 59 ? -9.798  7.264   6.116   1.00 1.52 ? 59 CYS A SG   1 
ATOM 831 H H    . CYS A 1 59 ? -9.087  4.303   9.070   1.00 1.10 ? 59 CYS A H    1 
ATOM 832 H HA   . CYS A 1 59 ? -8.515  7.169   8.832   1.00 1.60 ? 59 CYS A HA   1 
ATOM 833 H HB2  . CYS A 1 59 ? -8.176  5.705   6.944   1.00 1.83 ? 59 CYS A HB2  1 
ATOM 834 H HB3  . CYS A 1 59 ? -9.815  5.067   7.076   1.00 1.92 ? 59 CYS A HB3  1 
ATOM 835 N N    . GLY A 1 60 ? -10.766 8.218   9.258   1.00 1.98 ? 60 GLY A N    1 
ATOM 836 C CA   . GLY A 1 60 ? -12.098 8.799   9.587   1.00 2.52 ? 60 GLY A CA   1 
ATOM 837 C C    . GLY A 1 60 ? -11.921 9.963   10.564  1.00 3.08 ? 60 GLY A C    1 
ATOM 838 O O    . GLY A 1 60 ? -10.787 10.338  10.808  1.00 3.49 ? 60 GLY A O    1 
ATOM 839 O OXT  . GLY A 1 60 ? -12.924 10.460  11.050  1.00 3.64 ? 60 GLY A OXT  1 
ATOM 840 H H    . GLY A 1 60 ? -9.970  8.792   9.245   1.00 2.23 ? 60 GLY A H    1 
ATOM 841 H HA2  . GLY A 1 60 ? -12.569 9.156   8.682   1.00 2.75 ? 60 GLY A HA2  1 
ATOM 842 H HA3  . GLY A 1 60 ? -12.718 8.043   10.043  1.00 2.89 ? 60 GLY A HA3  1 
# 
